data_5HZW
#
_entry.id   5HZW
#
_cell.length_a   211.245
_cell.length_b   211.245
_cell.length_c   53.164
_cell.angle_alpha   90.00
_cell.angle_beta   90.00
_cell.angle_gamma   120.00
#
_symmetry.space_group_name_H-M   'P 64'
#
loop_
_entity.id
_entity.type
_entity.pdbx_description
1 polymer 'Maltose-binding periplasmic protein,Endoglin'
2 polymer 'Growth/differentiation factor 2'
3 branched alpha-D-glucopyranose-(1-4)-alpha-D-glucopyranose
4 non-polymer 2-acetamido-2-deoxy-beta-D-glucopyranose
#
loop_
_entity_poly.entity_id
_entity_poly.type
_entity_poly.pdbx_seq_one_letter_code
_entity_poly.pdbx_strand_id
1 'polypeptide(L)'
;ETGHHHHHHKTEEGKLVIWINGDKGYNGLAEVGKKFEKDTGIKVTVEHPDKLEEKFPQVAATGDGPDIIFWAHDRFGGYA
QSGLLAEITPAAAFQDKLYPFTWDAVRYNGKLIAYPIAVEALSLIYNKDLLPNPPKTWEEIPALDKELKAKGKSALMFNL
QEPYFTWPLIAADGGYAFKYAAGKYDIKDVGVDNAGAKAGLTFLVDLIKNKHMNADTDYSIAEHAFNHGETAMTINGPWA
WSNIDTSAVNYGVTVLPTFKGQPSKPFVGVLSAGINAASPNKELAKEFLENYLLTDEGLEAVNKDKPLGAVALKSYEEEL
VKDPRVAATMENAQKGEIMPNIPQMSAFWYAVRTAVINAASGRQTVDAALAAAQTNAAAETVHCDLQPVGPERGEVTYTT
SQVSKGCVAQAPNAILEVHVLFLEFPTGPSQLELTLQASKQNGTWPREVLLVLSVNSSVFLHLQALGIPLHLAYNSSLVT
FQEPPGVNTTELPSFPKTQILEWAAERGPITSAAELNDPQSILLRLGQAQGSLSFCMLEASQDMGRTLEWRPRTPALVRG
CHLEGVAGHKEAHILRVLPGHSAGPRTVTVKVELSCAPGDLDAVLILQGPPYVSWLIDANHNMQIWTTGEYSFKIFPEKN
IRGFKLPDTPQGLLGEARMLNASIVASFVELPLASIVSLHASSCGGRLQTS
;
A
2 'polypeptide(L)'
;SAGAGSHCQKTSLRVNFEDIGWDSWIIAPKEYEAYECKGGCFFPLADDVTPTKHAIVQTLVHLKFPTKVGKACCVPTKLS
PISVLYKDDMGVPTLKYHYEGMSVAECGCR
;
B
#
# COMPACT_ATOMS: atom_id res chain seq x y z
N GLU A 13 4.48 8.09 27.69
CA GLU A 13 5.52 7.39 26.96
C GLU A 13 5.10 7.22 25.50
N GLY A 14 6.02 6.82 24.63
CA GLY A 14 5.75 6.72 23.22
C GLY A 14 6.69 5.74 22.55
N LYS A 15 6.65 5.75 21.22
CA LYS A 15 7.40 4.77 20.44
C LYS A 15 7.70 5.36 19.07
N LEU A 16 8.77 4.88 18.45
CA LEU A 16 9.14 5.31 17.10
C LEU A 16 9.70 4.10 16.35
N VAL A 17 8.90 3.54 15.45
CA VAL A 17 9.34 2.48 14.56
C VAL A 17 9.99 3.11 13.34
N ILE A 18 11.13 2.56 12.91
CA ILE A 18 11.90 3.11 11.81
C ILE A 18 12.29 1.98 10.86
N TRP A 19 12.32 2.28 9.57
CA TRP A 19 12.79 1.36 8.55
C TRP A 19 13.99 1.96 7.84
N ILE A 20 14.99 1.13 7.56
CA ILE A 20 16.19 1.56 6.84
C ILE A 20 16.82 0.32 6.24
N ASN A 21 17.48 0.50 5.09
CA ASN A 21 18.09 -0.63 4.41
C ASN A 21 19.13 -1.30 5.30
N GLY A 22 19.19 -2.63 5.24
CA GLY A 22 20.06 -3.39 6.10
C GLY A 22 21.55 -3.16 5.86
N ASP A 23 21.90 -2.46 4.78
CA ASP A 23 23.29 -2.19 4.45
C ASP A 23 23.76 -0.83 4.95
N LYS A 24 23.01 -0.20 5.84
CA LYS A 24 23.32 1.13 6.33
C LYS A 24 23.54 1.11 7.84
N GLY A 25 23.93 2.26 8.37
CA GLY A 25 24.31 2.36 9.76
C GLY A 25 23.12 2.40 10.72
N TYR A 26 22.27 1.38 10.65
CA TYR A 26 21.09 1.36 11.50
C TYR A 26 21.43 1.18 12.97
N ASN A 27 22.63 0.69 13.29
CA ASN A 27 23.02 0.55 14.68
C ASN A 27 23.30 1.91 15.31
N GLY A 28 24.09 2.75 14.62
CA GLY A 28 24.29 4.11 15.10
C GLY A 28 22.98 4.86 15.22
N LEU A 29 22.14 4.75 14.20
CA LEU A 29 20.80 5.32 14.27
C LEU A 29 20.08 4.83 15.52
N ALA A 30 20.20 3.54 15.83
CA ALA A 30 19.57 3.00 17.02
C ALA A 30 20.12 3.66 18.27
N GLU A 31 21.44 3.93 18.30
CA GLU A 31 22.04 4.61 19.44
C GLU A 31 21.46 5.99 19.61
N VAL A 32 21.38 6.75 18.51
CA VAL A 32 20.67 8.03 18.53
C VAL A 32 19.28 7.82 19.13
N GLY A 33 18.65 6.70 18.79
CA GLY A 33 17.36 6.39 19.38
C GLY A 33 17.44 6.13 20.87
N LYS A 34 18.60 5.68 21.35
CA LYS A 34 18.77 5.49 22.79
C LYS A 34 18.91 6.83 23.50
N LYS A 35 19.70 7.74 22.94
CA LYS A 35 19.74 9.09 23.50
C LYS A 35 18.36 9.72 23.50
N PHE A 36 17.67 9.65 22.37
CA PHE A 36 16.30 10.16 22.29
C PHE A 36 15.40 9.49 23.32
N GLU A 37 15.64 8.21 23.61
CA GLU A 37 14.83 7.52 24.60
C GLU A 37 15.09 8.06 26.00
N LYS A 38 16.36 8.11 26.41
CA LYS A 38 16.69 8.63 27.73
C LYS A 38 16.16 10.05 27.90
N ASP A 39 16.32 10.89 26.89
CA ASP A 39 15.86 12.27 26.99
C ASP A 39 14.34 12.32 27.08
N THR A 40 13.65 11.75 26.10
CA THR A 40 12.20 11.89 25.99
C THR A 40 11.44 10.69 26.54
N GLY A 41 12.12 9.60 26.90
CA GLY A 41 11.42 8.41 27.33
C GLY A 41 10.66 7.72 26.22
N ILE A 42 10.97 8.05 24.97
CA ILE A 42 10.25 7.52 23.81
C ILE A 42 11.12 6.48 23.16
N LYS A 43 10.76 5.21 23.32
CA LYS A 43 11.58 4.13 22.79
C LYS A 43 11.62 4.19 21.27
N VAL A 44 12.76 3.78 20.71
CA VAL A 44 12.99 3.80 19.28
C VAL A 44 13.37 2.40 18.84
N THR A 45 12.60 1.84 17.91
CA THR A 45 12.88 0.52 17.35
C THR A 45 13.27 0.70 15.89
N VAL A 46 14.54 0.45 15.59
CA VAL A 46 15.05 0.54 14.23
C VAL A 46 15.05 -0.85 13.63
N GLU A 47 14.49 -0.98 12.43
CA GLU A 47 14.39 -2.26 11.74
C GLU A 47 14.81 -2.09 10.28
N HIS A 48 15.17 -3.22 9.67
CA HIS A 48 15.64 -3.22 8.28
C HIS A 48 15.01 -4.39 7.54
N PRO A 49 13.74 -4.28 7.19
CA PRO A 49 13.09 -5.34 6.42
C PRO A 49 13.67 -5.42 5.01
N ASP A 50 13.36 -6.54 4.34
CA ASP A 50 13.78 -6.75 2.97
C ASP A 50 12.79 -6.10 2.02
N LYS A 51 13.31 -5.32 1.06
CA LYS A 51 12.47 -4.59 0.12
C LYS A 51 11.50 -3.68 0.86
N LEU A 52 12.02 -2.93 1.83
CA LEU A 52 11.17 -2.05 2.63
C LEU A 52 10.58 -0.91 1.81
N GLU A 53 11.22 -0.53 0.71
CA GLU A 53 10.67 0.53 -0.13
C GLU A 53 9.39 0.07 -0.82
N GLU A 54 9.36 -1.19 -1.27
CA GLU A 54 8.16 -1.73 -1.88
C GLU A 54 7.14 -2.18 -0.85
N LYS A 55 7.58 -2.51 0.38
CA LYS A 55 6.66 -2.95 1.41
C LYS A 55 5.95 -1.77 2.07
N PHE A 56 6.67 -0.67 2.29
CA PHE A 56 6.13 0.47 3.03
C PHE A 56 4.79 0.91 2.48
N PRO A 57 4.69 1.31 1.20
CA PRO A 57 3.40 1.83 0.71
C PRO A 57 2.24 0.92 1.06
N GLN A 58 2.44 -0.39 0.93
CA GLN A 58 1.37 -1.35 1.11
C GLN A 58 0.84 -1.31 2.54
N VAL A 59 1.73 -1.27 3.53
CA VAL A 59 1.28 -1.25 4.92
C VAL A 59 0.81 0.14 5.31
N ALA A 60 1.56 1.18 4.94
CA ALA A 60 1.18 2.54 5.30
C ALA A 60 -0.23 2.86 4.84
N ALA A 61 -0.62 2.34 3.67
CA ALA A 61 -1.98 2.57 3.21
C ALA A 61 -3.02 1.86 4.06
N THR A 62 -2.62 1.07 5.06
CA THR A 62 -3.55 0.39 5.95
C THR A 62 -3.51 0.95 7.37
N GLY A 63 -2.77 2.03 7.59
CA GLY A 63 -2.59 2.57 8.92
C GLY A 63 -1.39 1.99 9.66
N ASP A 64 -1.05 0.73 9.39
CA ASP A 64 0.11 0.10 10.00
C ASP A 64 1.36 0.46 9.21
N GLY A 65 2.34 1.05 9.87
CA GLY A 65 3.59 1.38 9.23
C GLY A 65 4.58 1.95 10.21
N PRO A 66 5.86 1.99 9.81
CA PRO A 66 6.85 2.65 10.65
C PRO A 66 6.56 4.13 10.78
N ASP A 67 6.95 4.69 11.92
CA ASP A 67 6.75 6.14 12.15
C ASP A 67 7.60 6.92 11.11
N ILE A 68 8.76 6.36 10.79
CA ILE A 68 9.69 7.01 9.89
C ILE A 68 10.28 5.95 8.95
N ILE A 69 10.50 6.34 7.70
CA ILE A 69 11.17 5.49 6.72
C ILE A 69 12.42 6.20 6.24
N PHE A 70 13.46 5.41 5.96
CA PHE A 70 14.71 5.93 5.41
C PHE A 70 14.93 5.29 4.05
N TRP A 71 15.09 6.12 3.03
CA TRP A 71 15.30 5.62 1.68
C TRP A 71 15.72 6.79 0.79
N ALA A 72 16.24 6.45 -0.39
CA ALA A 72 16.55 7.46 -1.38
C ALA A 72 15.30 8.22 -1.80
N HIS A 73 15.49 9.46 -2.24
CA HIS A 73 14.37 10.32 -2.56
C HIS A 73 13.51 9.79 -3.71
N ASP A 74 14.07 8.93 -4.57
CA ASP A 74 13.39 8.56 -5.81
C ASP A 74 12.01 7.94 -5.55
N ARG A 75 11.81 7.35 -4.37
CA ARG A 75 10.55 6.66 -4.07
C ARG A 75 9.54 7.54 -3.33
N PHE A 76 10.04 8.53 -2.58
CA PHE A 76 9.17 9.36 -1.75
C PHE A 76 8.10 10.04 -2.58
N GLY A 77 8.43 10.44 -3.81
CA GLY A 77 7.45 11.01 -4.71
C GLY A 77 6.23 10.15 -4.85
N GLY A 78 6.41 8.88 -5.24
CA GLY A 78 5.28 7.97 -5.28
C GLY A 78 4.57 7.88 -3.95
N TYR A 79 5.33 7.65 -2.88
CA TYR A 79 4.71 7.48 -1.57
C TYR A 79 3.75 8.62 -1.26
N ALA A 80 4.27 9.86 -1.21
CA ALA A 80 3.42 11.00 -0.94
C ALA A 80 2.36 11.18 -2.01
N GLN A 81 2.66 10.75 -3.24
CA GLN A 81 1.67 10.84 -4.31
C GLN A 81 0.40 10.11 -3.90
N SER A 82 0.54 8.99 -3.20
CA SER A 82 -0.62 8.32 -2.63
C SER A 82 -1.02 8.90 -1.27
N GLY A 83 -0.53 10.08 -0.92
CA GLY A 83 -0.85 10.68 0.36
C GLY A 83 -0.34 9.88 1.54
N LEU A 84 0.81 9.23 1.40
CA LEU A 84 1.34 8.37 2.45
C LEU A 84 2.37 9.04 3.34
N LEU A 85 2.79 10.26 3.00
CA LEU A 85 3.84 10.95 3.75
C LEU A 85 3.33 12.30 4.21
N ALA A 86 3.49 12.58 5.50
CA ALA A 86 3.10 13.88 6.04
C ALA A 86 4.07 14.95 5.57
N GLU A 87 3.57 16.19 5.51
CA GLU A 87 4.40 17.30 5.08
C GLU A 87 5.37 17.71 6.18
N ILE A 88 6.60 18.02 5.78
CA ILE A 88 7.62 18.49 6.71
C ILE A 88 7.59 20.01 6.74
N THR A 89 7.59 20.57 7.95
CA THR A 89 7.51 22.01 8.15
C THR A 89 8.67 22.45 9.05
N PRO A 90 9.89 22.49 8.52
CA PRO A 90 11.03 22.90 9.33
C PRO A 90 11.28 24.41 9.27
N ALA A 91 11.65 24.96 10.41
CA ALA A 91 11.90 26.39 10.49
C ALA A 91 13.00 26.81 9.52
N ALA A 92 12.88 28.03 9.00
CA ALA A 92 13.81 28.50 7.99
C ALA A 92 15.25 28.43 8.46
N ALA A 93 15.49 28.67 9.75
CA ALA A 93 16.83 28.49 10.31
C ALA A 93 17.32 27.06 10.08
N PHE A 94 16.53 26.08 10.53
CA PHE A 94 16.90 24.69 10.34
C PHE A 94 17.11 24.38 8.86
N GLN A 95 16.21 24.87 8.01
CA GLN A 95 16.39 24.66 6.57
C GLN A 95 17.72 25.24 6.11
N ASP A 96 18.15 26.34 6.71
CA ASP A 96 19.46 26.91 6.40
C ASP A 96 20.59 26.01 6.88
N LYS A 97 20.33 25.17 7.89
CA LYS A 97 21.38 24.27 8.37
C LYS A 97 21.74 23.19 7.35
N LEU A 98 20.87 22.91 6.39
CA LEU A 98 21.15 21.91 5.37
C LEU A 98 21.26 22.57 3.99
N TYR A 99 21.82 21.82 3.04
CA TYR A 99 22.03 22.34 1.71
C TYR A 99 20.71 22.41 0.95
N PRO A 100 20.53 23.41 0.09
CA PRO A 100 19.23 23.55 -0.60
C PRO A 100 18.88 22.37 -1.51
N PHE A 101 19.76 22.04 -2.45
CA PHE A 101 19.41 21.03 -3.46
C PHE A 101 18.94 19.73 -2.83
N THR A 102 19.34 19.44 -1.60
CA THR A 102 18.80 18.29 -0.89
C THR A 102 17.31 18.50 -0.60
N TRP A 103 16.97 19.63 0.01
CA TRP A 103 15.57 19.98 0.17
C TRP A 103 14.83 19.88 -1.16
N ASP A 104 15.46 20.32 -2.24
CA ASP A 104 14.86 20.18 -3.57
C ASP A 104 14.64 18.71 -3.90
N ALA A 105 15.56 17.85 -3.49
CA ALA A 105 15.38 16.42 -3.73
C ALA A 105 14.14 15.90 -3.00
N VAL A 106 13.91 16.36 -1.77
CA VAL A 106 12.73 15.91 -1.01
C VAL A 106 11.49 16.74 -1.29
N ARG A 107 11.61 17.86 -2.01
CA ARG A 107 10.45 18.69 -2.32
C ARG A 107 9.76 18.16 -3.57
N TYR A 108 8.45 17.94 -3.47
CA TYR A 108 7.67 17.39 -4.57
C TYR A 108 6.33 18.12 -4.63
N ASN A 109 6.08 18.79 -5.75
CA ASN A 109 4.87 19.56 -5.96
C ASN A 109 4.74 20.72 -4.98
N GLY A 110 5.86 21.18 -4.43
CA GLY A 110 5.88 22.34 -3.57
C GLY A 110 5.97 22.05 -2.09
N LYS A 111 5.85 20.79 -1.68
CA LYS A 111 5.85 20.42 -0.27
C LYS A 111 7.12 19.66 0.09
N LEU A 112 7.70 20.00 1.23
CA LEU A 112 8.83 19.25 1.77
C LEU A 112 8.28 18.01 2.46
N ILE A 113 8.68 16.83 1.96
CA ILE A 113 8.06 15.58 2.36
C ILE A 113 8.95 14.82 3.33
N ALA A 114 10.26 14.98 3.20
CA ALA A 114 11.20 14.20 4.01
C ALA A 114 12.34 15.10 4.46
N TYR A 115 13.15 14.56 5.36
CA TYR A 115 14.35 15.25 5.82
C TYR A 115 15.55 14.70 5.08
N PRO A 116 16.23 15.47 4.24
CA PRO A 116 17.43 14.95 3.56
C PRO A 116 18.52 14.65 4.57
N ILE A 117 19.04 13.42 4.52
CA ILE A 117 20.03 12.98 5.50
C ILE A 117 21.41 12.98 4.88
N ALA A 118 21.60 12.22 3.81
CA ALA A 118 22.91 12.04 3.22
C ALA A 118 22.80 12.01 1.70
N VAL A 119 23.97 12.05 1.06
CA VAL A 119 24.09 11.97 -0.39
C VAL A 119 24.84 10.69 -0.73
N GLU A 120 24.32 9.93 -1.68
CA GLU A 120 24.89 8.64 -2.06
C GLU A 120 25.20 8.64 -3.54
N ALA A 121 26.42 8.21 -3.89
CA ALA A 121 26.83 8.08 -5.29
C ALA A 121 27.82 6.94 -5.38
N LEU A 122 27.62 6.06 -6.37
CA LEU A 122 28.49 4.91 -6.53
C LEU A 122 29.91 5.35 -6.89
N SER A 123 30.89 4.66 -6.32
CA SER A 123 32.30 4.93 -6.59
C SER A 123 33.01 3.62 -6.91
N LEU A 124 34.16 3.76 -7.58
CA LEU A 124 34.97 2.60 -7.95
C LEU A 124 35.92 2.29 -6.81
N ILE A 125 35.73 1.14 -6.18
CA ILE A 125 36.57 0.69 -5.08
C ILE A 125 37.43 -0.44 -5.60
N TYR A 126 38.73 -0.18 -5.72
CA TYR A 126 39.68 -1.14 -6.27
C TYR A 126 40.67 -1.58 -5.20
N ASN A 127 41.20 -2.78 -5.37
CA ASN A 127 42.19 -3.33 -4.45
C ASN A 127 43.56 -2.83 -4.87
N LYS A 128 44.17 -1.96 -4.05
CA LYS A 128 45.46 -1.40 -4.40
C LYS A 128 46.52 -2.48 -4.57
N ASP A 129 46.45 -3.54 -3.77
CA ASP A 129 47.43 -4.61 -3.88
C ASP A 129 47.28 -5.36 -5.19
N LEU A 130 46.05 -5.70 -5.57
CA LEU A 130 45.82 -6.46 -6.78
C LEU A 130 45.91 -5.59 -8.03
N LEU A 131 45.46 -4.34 -7.93
CA LEU A 131 45.38 -3.44 -9.08
C LEU A 131 45.85 -2.07 -8.67
N PRO A 132 47.17 -1.85 -8.64
CA PRO A 132 47.68 -0.52 -8.26
C PRO A 132 47.24 0.59 -9.18
N ASN A 133 46.93 0.27 -10.45
CA ASN A 133 46.53 1.27 -11.44
C ASN A 133 45.15 0.90 -11.99
N PRO A 134 44.06 1.37 -11.37
CA PRO A 134 42.74 1.04 -11.88
C PRO A 134 42.53 1.65 -13.26
N PRO A 135 41.74 1.00 -14.11
CA PRO A 135 41.57 1.52 -15.48
C PRO A 135 40.80 2.82 -15.49
N LYS A 136 41.15 3.68 -16.45
CA LYS A 136 40.44 4.93 -16.66
C LYS A 136 39.25 4.79 -17.58
N THR A 137 39.18 3.70 -18.34
CA THR A 137 38.10 3.49 -19.30
C THR A 137 37.53 2.09 -19.12
N TRP A 138 36.27 1.92 -19.53
CA TRP A 138 35.64 0.61 -19.48
C TRP A 138 36.25 -0.34 -20.51
N GLU A 139 36.68 0.19 -21.65
CA GLU A 139 37.07 -0.65 -22.78
C GLU A 139 38.28 -1.54 -22.48
N GLU A 140 39.09 -1.19 -21.46
CA GLU A 140 40.29 -1.95 -21.13
C GLU A 140 40.07 -3.02 -20.06
N ILE A 141 38.90 -2.99 -19.41
CA ILE A 141 38.61 -3.99 -18.38
C ILE A 141 38.73 -5.39 -18.92
N PRO A 142 38.20 -5.74 -20.10
CA PRO A 142 38.37 -7.12 -20.60
C PRO A 142 39.81 -7.59 -20.56
N ALA A 143 40.71 -6.83 -21.18
CA ALA A 143 42.13 -7.19 -21.14
C ALA A 143 42.60 -7.41 -19.71
N LEU A 144 42.30 -6.45 -18.83
CA LEU A 144 42.72 -6.62 -17.43
C LEU A 144 42.20 -7.94 -16.86
N ASP A 145 40.92 -8.24 -17.12
CA ASP A 145 40.33 -9.49 -16.63
C ASP A 145 41.06 -10.70 -17.16
N LYS A 146 41.50 -10.64 -18.42
CA LYS A 146 42.30 -11.73 -18.96
C LYS A 146 43.57 -11.92 -18.15
N GLU A 147 44.33 -10.84 -17.95
CA GLU A 147 45.58 -10.93 -17.19
C GLU A 147 45.31 -11.49 -15.79
N LEU A 148 44.41 -10.86 -15.04
CA LEU A 148 44.14 -11.29 -13.67
C LEU A 148 43.61 -12.72 -13.64
N LYS A 149 42.92 -13.15 -14.69
CA LYS A 149 42.51 -14.55 -14.79
C LYS A 149 43.71 -15.46 -15.03
N ALA A 150 44.77 -14.92 -15.65
CA ALA A 150 46.02 -15.65 -15.69
C ALA A 150 46.69 -15.69 -14.32
N LYS A 151 46.35 -14.76 -13.43
CA LYS A 151 46.85 -14.79 -12.06
C LYS A 151 45.91 -15.47 -11.08
N GLY A 152 44.78 -16.02 -11.55
CA GLY A 152 43.86 -16.68 -10.66
C GLY A 152 42.91 -15.76 -9.92
N LYS A 153 42.55 -14.63 -10.53
CA LYS A 153 41.65 -13.66 -9.92
C LYS A 153 40.66 -13.19 -10.98
N SER A 154 39.88 -12.18 -10.64
CA SER A 154 38.95 -11.56 -11.59
C SER A 154 39.10 -10.05 -11.50
N ALA A 155 38.75 -9.37 -12.59
CA ALA A 155 38.93 -7.93 -12.66
C ALA A 155 37.85 -7.20 -11.85
N LEU A 156 36.59 -7.43 -12.18
CA LEU A 156 35.49 -6.67 -11.60
C LEU A 156 34.35 -7.60 -11.24
N MET A 157 33.66 -7.23 -10.16
CA MET A 157 32.44 -7.92 -9.74
C MET A 157 31.57 -6.93 -8.99
N PHE A 158 30.33 -6.77 -9.44
CA PHE A 158 29.39 -5.86 -8.81
C PHE A 158 27.99 -6.39 -9.00
N ASN A 159 27.06 -5.85 -8.20
CA ASN A 159 25.69 -6.33 -8.22
C ASN A 159 25.06 -6.08 -9.58
N LEU A 160 24.66 -7.15 -10.25
CA LEU A 160 23.98 -7.08 -11.54
C LEU A 160 22.48 -7.27 -11.42
N GLN A 161 21.96 -7.60 -10.24
CA GLN A 161 20.53 -7.84 -10.07
C GLN A 161 19.75 -6.55 -9.88
N GLU A 162 20.39 -5.51 -9.39
CA GLU A 162 19.77 -4.20 -9.22
C GLU A 162 20.30 -3.25 -10.28
N PRO A 163 19.43 -2.62 -11.08
CA PRO A 163 19.94 -1.74 -12.16
C PRO A 163 20.66 -0.50 -11.66
N TYR A 164 20.59 -0.19 -10.36
CA TYR A 164 21.25 1.01 -9.85
C TYR A 164 22.76 0.96 -10.09
N PHE A 165 23.34 -0.24 -10.14
CA PHE A 165 24.78 -0.38 -10.35
C PHE A 165 25.18 -0.39 -11.82
N THR A 166 24.23 -0.42 -12.76
CA THR A 166 24.49 -0.48 -14.20
C THR A 166 24.12 0.82 -14.93
N TRP A 167 23.26 1.62 -14.30
CA TRP A 167 22.89 2.89 -14.89
C TRP A 167 24.08 3.78 -15.19
N PRO A 168 25.13 3.84 -14.36
CA PRO A 168 26.23 4.77 -14.67
C PRO A 168 26.78 4.63 -16.07
N LEU A 169 26.97 3.41 -16.56
CA LEU A 169 27.36 3.21 -17.95
C LEU A 169 26.23 3.63 -18.89
N ILE A 170 25.03 3.04 -18.68
CA ILE A 170 23.94 3.32 -19.61
C ILE A 170 23.84 4.83 -19.87
N ALA A 171 23.72 5.60 -18.80
CA ALA A 171 23.71 7.06 -18.90
C ALA A 171 25.07 7.62 -19.26
N ALA A 172 26.12 6.82 -19.12
CA ALA A 172 27.45 7.31 -19.49
C ALA A 172 27.46 7.79 -20.92
N ASP A 173 26.91 7.00 -21.84
CA ASP A 173 26.95 7.43 -23.24
C ASP A 173 25.69 8.17 -23.68
N GLY A 174 24.96 8.80 -22.76
CA GLY A 174 23.82 9.61 -23.13
C GLY A 174 22.48 9.07 -22.69
N GLY A 175 22.44 7.89 -22.08
CA GLY A 175 21.18 7.37 -21.59
C GLY A 175 20.59 8.26 -20.51
N TYR A 176 19.26 8.32 -20.47
CA TYR A 176 18.56 9.09 -19.46
C TYR A 176 17.19 8.46 -19.24
N ALA A 177 16.63 8.72 -18.05
CA ALA A 177 15.36 8.13 -17.67
C ALA A 177 14.19 8.92 -18.25
N PHE A 178 14.05 10.19 -17.87
CA PHE A 178 12.95 11.03 -18.30
C PHE A 178 13.51 12.37 -18.75
N LYS A 179 13.18 12.77 -19.98
CA LYS A 179 13.71 14.02 -20.49
C LYS A 179 13.18 15.16 -19.64
N TYR A 180 14.10 15.93 -19.09
CA TYR A 180 13.78 17.05 -18.22
C TYR A 180 13.95 18.36 -18.98
N ALA A 181 13.02 19.29 -18.73
CA ALA A 181 13.07 20.63 -19.31
C ALA A 181 11.97 21.51 -18.73
N ALA A 182 12.18 22.82 -18.74
CA ALA A 182 11.17 23.77 -18.26
C ALA A 182 10.75 23.44 -16.84
N GLY A 183 11.72 23.09 -15.99
CA GLY A 183 11.46 22.81 -14.60
C GLY A 183 10.66 21.56 -14.34
N LYS A 184 10.33 20.77 -15.36
CA LYS A 184 9.47 19.61 -15.20
C LYS A 184 10.00 18.47 -16.06
N TYR A 185 9.58 17.26 -15.72
CA TYR A 185 9.98 16.07 -16.43
C TYR A 185 8.95 15.71 -17.51
N ASP A 186 9.44 15.25 -18.65
CA ASP A 186 8.59 14.70 -19.70
C ASP A 186 8.65 13.18 -19.61
N ILE A 187 7.55 12.59 -19.13
CA ILE A 187 7.51 11.14 -18.93
C ILE A 187 7.41 10.41 -20.26
N LYS A 188 6.79 11.03 -21.26
CA LYS A 188 6.63 10.41 -22.56
C LYS A 188 7.89 10.51 -23.42
N ASP A 189 8.98 11.07 -22.89
CA ASP A 189 10.25 11.15 -23.59
C ASP A 189 11.28 10.41 -22.75
N VAL A 190 11.57 9.16 -23.12
CA VAL A 190 12.50 8.30 -22.40
C VAL A 190 13.72 8.08 -23.27
N GLY A 191 14.88 8.02 -22.65
CA GLY A 191 16.13 7.86 -23.37
C GLY A 191 16.83 6.54 -23.11
N VAL A 192 16.07 5.48 -22.88
CA VAL A 192 16.65 4.17 -22.66
C VAL A 192 16.92 3.44 -23.97
N ASP A 193 16.11 3.70 -25.00
CA ASP A 193 16.28 3.06 -26.29
C ASP A 193 17.17 3.86 -27.23
N ASN A 194 17.82 4.92 -26.73
CA ASN A 194 18.68 5.73 -27.58
C ASN A 194 20.00 5.00 -27.83
N ALA A 195 20.88 5.66 -28.56
CA ALA A 195 22.12 5.01 -28.99
C ALA A 195 23.02 4.70 -27.80
N GLY A 196 23.32 5.71 -26.98
CA GLY A 196 24.26 5.53 -25.88
C GLY A 196 23.89 4.38 -24.99
N ALA A 197 22.62 4.32 -24.58
CA ALA A 197 22.18 3.24 -23.71
C ALA A 197 22.47 1.88 -24.35
N LYS A 198 21.99 1.68 -25.59
CA LYS A 198 22.23 0.42 -26.27
C LYS A 198 23.72 0.11 -26.35
N ALA A 199 24.55 1.13 -26.50
CA ALA A 199 25.99 0.91 -26.57
C ALA A 199 26.52 0.38 -25.24
N GLY A 200 26.23 1.08 -24.15
CA GLY A 200 26.66 0.64 -22.83
C GLY A 200 26.20 -0.77 -22.51
N LEU A 201 24.89 -0.98 -22.57
CA LEU A 201 24.36 -2.30 -22.23
C LEU A 201 24.95 -3.37 -23.14
N THR A 202 25.16 -3.04 -24.42
CA THR A 202 25.86 -3.98 -25.30
C THR A 202 27.24 -4.31 -24.74
N PHE A 203 27.96 -3.30 -24.26
CA PHE A 203 29.28 -3.55 -23.69
C PHE A 203 29.19 -4.50 -22.50
N LEU A 204 28.22 -4.27 -21.61
CA LEU A 204 28.05 -5.16 -20.46
C LEU A 204 27.79 -6.60 -20.92
N VAL A 205 26.80 -6.77 -21.81
CA VAL A 205 26.48 -8.11 -22.31
C VAL A 205 27.71 -8.74 -22.95
N ASP A 206 28.62 -7.92 -23.49
CA ASP A 206 29.85 -8.47 -24.04
C ASP A 206 30.79 -8.91 -22.92
N LEU A 207 30.83 -8.16 -21.82
CA LEU A 207 31.64 -8.58 -20.68
C LEU A 207 31.16 -9.92 -20.15
N ILE A 208 29.85 -10.07 -19.96
CA ILE A 208 29.32 -11.34 -19.46
C ILE A 208 29.53 -12.45 -20.48
N LYS A 209 29.25 -12.16 -21.76
CA LYS A 209 29.42 -13.18 -22.80
C LYS A 209 30.85 -13.69 -22.85
N ASN A 210 31.82 -12.80 -22.71
CA ASN A 210 33.22 -13.20 -22.69
C ASN A 210 33.67 -13.74 -21.34
N LYS A 211 32.74 -14.01 -20.42
CA LYS A 211 33.03 -14.60 -19.12
C LYS A 211 33.87 -13.69 -18.24
N HIS A 212 33.92 -12.39 -18.56
CA HIS A 212 34.57 -11.45 -17.66
C HIS A 212 33.73 -11.18 -16.42
N MET A 213 32.45 -11.51 -16.45
CA MET A 213 31.58 -11.43 -15.29
C MET A 213 30.50 -12.48 -15.42
N ASN A 214 29.93 -12.86 -14.27
CA ASN A 214 28.85 -13.83 -14.23
C ASN A 214 27.52 -13.09 -14.06
N ALA A 215 26.57 -13.39 -14.94
CA ALA A 215 25.30 -12.68 -14.93
C ALA A 215 24.58 -12.76 -13.60
N ASP A 216 24.90 -13.76 -12.77
CA ASP A 216 24.21 -13.97 -11.51
C ASP A 216 24.87 -13.25 -10.33
N THR A 217 25.90 -12.44 -10.58
CA THR A 217 26.56 -11.73 -9.51
C THR A 217 25.60 -10.72 -8.88
N ASP A 218 25.55 -10.71 -7.55
CA ASP A 218 24.70 -9.76 -6.83
C ASP A 218 25.53 -9.00 -5.80
N TYR A 219 24.86 -8.23 -4.94
CA TYR A 219 25.58 -7.39 -3.98
C TYR A 219 26.47 -8.24 -3.07
N SER A 220 25.89 -9.21 -2.38
CA SER A 220 26.67 -10.03 -1.44
C SER A 220 27.84 -10.70 -2.15
N ILE A 221 27.61 -11.22 -3.35
CA ILE A 221 28.66 -11.91 -4.08
C ILE A 221 29.82 -10.96 -4.37
N ALA A 222 29.51 -9.77 -4.88
CA ALA A 222 30.55 -8.82 -5.21
C ALA A 222 31.31 -8.38 -3.97
N GLU A 223 30.57 -8.04 -2.89
CA GLU A 223 31.22 -7.56 -1.67
C GLU A 223 32.14 -8.63 -1.10
N HIS A 224 31.67 -9.87 -1.03
CA HIS A 224 32.54 -10.96 -0.59
C HIS A 224 33.77 -11.07 -1.48
N ALA A 225 33.56 -11.01 -2.80
CA ALA A 225 34.66 -11.18 -3.75
C ALA A 225 35.74 -10.14 -3.53
N PHE A 226 35.36 -8.86 -3.47
CA PHE A 226 36.36 -7.81 -3.33
C PHE A 226 36.97 -7.81 -1.94
N ASN A 227 36.14 -7.99 -0.91
CA ASN A 227 36.64 -7.94 0.46
C ASN A 227 37.62 -9.07 0.75
N HIS A 228 37.50 -10.20 0.06
CA HIS A 228 38.43 -11.30 0.24
C HIS A 228 39.55 -11.31 -0.79
N GLY A 229 39.62 -10.30 -1.66
CA GLY A 229 40.69 -10.22 -2.63
C GLY A 229 40.55 -11.14 -3.81
N GLU A 230 39.36 -11.70 -4.04
CA GLU A 230 39.15 -12.56 -5.19
C GLU A 230 38.99 -11.75 -6.48
N THR A 231 38.45 -10.53 -6.38
CA THR A 231 38.37 -9.61 -7.50
C THR A 231 39.13 -8.35 -7.16
N ALA A 232 39.66 -7.69 -8.19
CA ALA A 232 40.48 -6.50 -8.01
C ALA A 232 39.67 -5.21 -7.97
N MET A 233 38.39 -5.25 -8.32
CA MET A 233 37.59 -4.03 -8.39
C MET A 233 36.15 -4.35 -8.04
N THR A 234 35.43 -3.31 -7.61
CA THR A 234 34.00 -3.38 -7.35
C THR A 234 33.44 -1.96 -7.38
N ILE A 235 32.13 -1.87 -7.47
CA ILE A 235 31.41 -0.60 -7.54
C ILE A 235 30.41 -0.56 -6.39
N ASN A 236 30.58 0.41 -5.49
CA ASN A 236 29.73 0.49 -4.31
C ASN A 236 29.74 1.89 -3.75
N GLY A 237 28.77 2.15 -2.87
CA GLY A 237 28.63 3.43 -2.23
C GLY A 237 29.38 3.50 -0.91
N PRO A 238 29.27 4.65 -0.23
CA PRO A 238 30.02 4.84 1.02
C PRO A 238 29.79 3.74 2.05
N TRP A 239 28.58 3.21 2.14
CA TRP A 239 28.26 2.23 3.18
C TRP A 239 29.22 1.05 3.16
N ALA A 240 29.59 0.56 1.97
CA ALA A 240 30.43 -0.63 1.87
C ALA A 240 31.83 -0.40 2.44
N TRP A 241 32.29 0.85 2.46
CA TRP A 241 33.64 1.15 2.91
C TRP A 241 33.91 0.54 4.29
N SER A 242 32.92 0.51 5.17
CA SER A 242 33.16 -0.03 6.51
C SER A 242 33.54 -1.50 6.42
N ASN A 243 32.77 -2.27 5.64
CA ASN A 243 33.06 -3.69 5.47
C ASN A 243 34.43 -3.91 4.85
N ILE A 244 34.84 -3.03 3.92
CA ILE A 244 36.21 -3.16 3.44
C ILE A 244 37.20 -2.85 4.55
N ASP A 245 36.89 -1.87 5.40
CA ASP A 245 37.84 -1.51 6.45
C ASP A 245 38.09 -2.69 7.37
N THR A 246 37.05 -3.48 7.67
CA THR A 246 37.27 -4.67 8.47
C THR A 246 38.13 -5.69 7.74
N SER A 247 38.08 -5.71 6.41
CA SER A 247 38.83 -6.67 5.63
C SER A 247 40.29 -6.26 5.52
N ALA A 248 41.14 -7.25 5.23
CA ALA A 248 42.57 -7.01 5.03
C ALA A 248 42.87 -6.30 3.74
N VAL A 249 41.86 -5.97 2.93
CA VAL A 249 42.08 -5.33 1.64
C VAL A 249 42.58 -3.91 1.86
N ASN A 250 43.63 -3.55 1.13
CA ASN A 250 44.08 -2.16 1.03
C ASN A 250 43.40 -1.56 -0.20
N TYR A 251 42.35 -0.80 0.01
CA TYR A 251 41.46 -0.38 -1.06
C TYR A 251 41.60 1.11 -1.33
N GLY A 252 41.34 1.47 -2.58
CA GLY A 252 41.27 2.87 -2.99
C GLY A 252 39.93 3.15 -3.64
N VAL A 253 39.39 4.33 -3.37
CA VAL A 253 38.10 4.75 -3.90
C VAL A 253 38.35 5.92 -4.85
N THR A 254 37.90 5.77 -6.10
CA THR A 254 38.21 6.76 -7.12
C THR A 254 37.05 6.85 -8.11
N VAL A 255 37.20 7.78 -9.06
CA VAL A 255 36.17 8.01 -10.07
C VAL A 255 35.91 6.76 -10.90
N LEU A 256 34.72 6.70 -11.50
CA LEU A 256 34.35 5.60 -12.36
C LEU A 256 34.98 5.78 -13.75
N PRO A 257 35.18 4.70 -14.50
CA PRO A 257 35.83 4.83 -15.81
C PRO A 257 34.94 5.56 -16.79
N THR A 258 35.55 5.93 -17.92
CA THR A 258 34.85 6.60 -19.00
C THR A 258 34.50 5.61 -20.09
N PHE A 259 33.28 5.72 -20.60
CA PHE A 259 32.80 4.88 -21.69
C PHE A 259 32.65 5.73 -22.94
N LYS A 260 33.26 5.29 -24.03
CA LYS A 260 33.28 6.06 -25.28
C LYS A 260 33.79 7.48 -25.02
N GLY A 261 34.81 7.58 -24.18
CA GLY A 261 35.41 8.86 -23.87
C GLY A 261 34.57 9.79 -23.05
N GLN A 262 33.45 9.32 -22.50
CA GLN A 262 32.58 10.14 -21.69
C GLN A 262 32.51 9.61 -20.27
N PRO A 263 32.42 10.48 -19.26
CA PRO A 263 32.38 9.99 -17.87
C PRO A 263 31.09 9.26 -17.57
N SER A 264 31.20 8.24 -16.71
CA SER A 264 30.04 7.52 -16.26
C SER A 264 29.17 8.42 -15.38
N LYS A 265 27.87 8.43 -15.65
CA LYS A 265 26.92 9.31 -14.96
C LYS A 265 26.03 8.47 -14.06
N PRO A 266 26.42 8.26 -12.80
CA PRO A 266 25.56 7.48 -11.89
C PRO A 266 24.35 8.30 -11.44
N PHE A 267 23.32 7.57 -11.00
CA PHE A 267 22.13 8.20 -10.44
C PHE A 267 22.42 8.53 -8.98
N VAL A 268 22.48 9.82 -8.67
CA VAL A 268 22.82 10.26 -7.31
C VAL A 268 21.59 10.16 -6.43
N GLY A 269 21.67 9.35 -5.38
CA GLY A 269 20.61 9.24 -4.42
C GLY A 269 20.78 10.18 -3.24
N VAL A 270 19.67 10.46 -2.56
CA VAL A 270 19.65 11.33 -1.39
C VAL A 270 18.95 10.56 -0.29
N LEU A 271 19.73 9.96 0.61
CA LEU A 271 19.15 9.27 1.75
C LEU A 271 18.31 10.25 2.56
N SER A 272 16.99 10.05 2.59
CA SER A 272 16.09 10.96 3.26
C SER A 272 15.19 10.18 4.21
N ALA A 273 14.56 10.91 5.12
CA ALA A 273 13.69 10.33 6.14
C ALA A 273 12.30 10.93 6.00
N GLY A 274 11.34 10.09 5.65
CA GLY A 274 9.95 10.52 5.53
C GLY A 274 9.13 10.07 6.72
N ILE A 275 8.15 10.90 7.08
CA ILE A 275 7.28 10.64 8.22
C ILE A 275 5.98 10.03 7.71
N ASN A 276 5.61 8.88 8.27
CA ASN A 276 4.36 8.22 7.90
C ASN A 276 3.18 9.09 8.30
N ALA A 277 2.31 9.38 7.33
CA ALA A 277 1.15 10.23 7.61
C ALA A 277 0.21 9.57 8.62
N ALA A 278 0.23 8.24 8.72
CA ALA A 278 -0.63 7.53 9.65
C ALA A 278 -0.05 7.46 11.06
N SER A 279 1.14 8.01 11.28
CA SER A 279 1.76 7.96 12.59
C SER A 279 1.15 9.01 13.50
N PRO A 280 0.74 8.66 14.72
CA PRO A 280 0.28 9.69 15.65
C PRO A 280 1.41 10.47 16.31
N ASN A 281 2.64 9.97 16.22
CA ASN A 281 3.79 10.60 16.87
C ASN A 281 4.50 11.60 15.97
N LYS A 282 3.79 12.18 15.00
CA LYS A 282 4.44 13.08 14.05
C LYS A 282 5.33 14.09 14.76
N GLU A 283 4.83 14.71 15.83
CA GLU A 283 5.61 15.69 16.58
C GLU A 283 6.92 15.06 17.05
N LEU A 284 6.84 13.89 17.68
CA LEU A 284 8.04 13.25 18.21
C LEU A 284 9.00 12.88 17.09
N ALA A 285 8.47 12.42 15.96
CA ALA A 285 9.31 12.11 14.80
C ALA A 285 10.10 13.34 14.38
N LYS A 286 9.41 14.47 14.19
CA LYS A 286 10.10 15.72 13.95
C LYS A 286 11.19 15.95 14.98
N GLU A 287 10.88 15.70 16.25
CA GLU A 287 11.86 15.88 17.32
C GLU A 287 13.12 15.07 17.05
N PHE A 288 12.98 13.74 16.98
CA PHE A 288 14.11 12.87 16.73
C PHE A 288 14.90 13.32 15.51
N LEU A 289 14.24 13.32 14.35
CA LEU A 289 14.94 13.61 13.11
C LEU A 289 15.71 14.92 13.22
N GLU A 290 14.99 16.03 13.41
CA GLU A 290 15.66 17.31 13.40
C GLU A 290 16.74 17.33 14.49
N ASN A 291 16.28 17.37 15.74
CA ASN A 291 17.11 17.80 16.85
C ASN A 291 18.15 16.77 17.27
N TYR A 292 17.96 15.51 16.88
CA TYR A 292 18.90 14.46 17.22
C TYR A 292 19.61 13.89 16.01
N LEU A 293 18.86 13.57 14.94
CA LEU A 293 19.51 12.94 13.81
C LEU A 293 20.35 13.94 13.03
N LEU A 294 19.85 15.15 12.81
CA LEU A 294 20.56 16.07 11.93
C LEU A 294 21.52 16.99 12.69
N THR A 295 21.93 16.60 13.88
CA THR A 295 22.98 17.29 14.60
C THR A 295 24.34 16.64 14.32
N ASP A 296 25.40 17.36 14.68
CA ASP A 296 26.75 16.85 14.46
C ASP A 296 26.93 15.48 15.09
N GLU A 297 26.48 15.32 16.33
CA GLU A 297 26.76 14.09 17.07
C GLU A 297 25.98 12.91 16.49
N GLY A 298 24.76 13.14 16.04
CA GLY A 298 23.96 12.08 15.47
C GLY A 298 24.57 11.52 14.20
N LEU A 299 24.71 12.39 13.20
CA LEU A 299 25.37 11.99 11.96
C LEU A 299 26.76 11.43 12.25
N GLU A 300 27.41 11.90 13.32
CA GLU A 300 28.66 11.29 13.74
C GLU A 300 28.46 9.82 14.09
N ALA A 301 27.43 9.53 14.89
CA ALA A 301 27.17 8.15 15.29
C ALA A 301 26.87 7.27 14.08
N VAL A 302 25.90 7.69 13.27
CA VAL A 302 25.49 6.88 12.13
C VAL A 302 26.66 6.67 11.18
N ASN A 303 27.38 7.75 10.85
CA ASN A 303 28.54 7.63 9.97
C ASN A 303 29.60 6.74 10.59
N LYS A 304 29.70 6.74 11.91
CA LYS A 304 30.60 5.80 12.58
C LYS A 304 30.18 4.36 12.32
N ASP A 305 28.88 4.09 12.39
CA ASP A 305 28.39 2.74 12.10
C ASP A 305 28.64 2.37 10.64
N LYS A 306 28.13 3.19 9.72
CA LYS A 306 28.34 2.98 8.29
C LYS A 306 28.51 4.35 7.64
N PRO A 307 29.52 4.55 6.80
CA PRO A 307 29.72 5.86 6.18
C PRO A 307 28.49 6.29 5.38
N LEU A 308 28.09 7.53 5.59
CA LEU A 308 26.98 8.13 4.85
C LEU A 308 27.44 8.86 3.61
N GLY A 309 28.73 8.86 3.32
CA GLY A 309 29.23 9.63 2.18
C GLY A 309 29.24 11.11 2.52
N ALA A 310 28.62 11.89 1.64
CA ALA A 310 28.48 13.33 1.87
C ALA A 310 27.14 13.58 2.55
N VAL A 311 27.20 14.06 3.79
CA VAL A 311 25.98 14.30 4.55
C VAL A 311 25.34 15.62 4.10
N ALA A 312 24.03 15.72 4.35
CA ALA A 312 23.31 16.94 4.02
C ALA A 312 23.55 18.05 5.03
N LEU A 313 24.11 17.72 6.20
CA LEU A 313 24.42 18.74 7.19
C LEU A 313 25.72 19.45 6.81
N LYS A 314 25.66 20.78 6.79
CA LYS A 314 26.79 21.55 6.28
C LYS A 314 28.02 21.39 7.18
N SER A 315 27.83 21.51 8.49
CA SER A 315 28.97 21.39 9.41
C SER A 315 29.64 20.02 9.27
N TYR A 316 28.89 18.97 9.59
CA TYR A 316 29.48 17.63 9.59
C TYR A 316 30.02 17.28 8.22
N GLU A 317 29.36 17.75 7.16
CA GLU A 317 29.92 17.55 5.82
C GLU A 317 31.26 18.26 5.70
N GLU A 318 31.34 19.51 6.15
CA GLU A 318 32.61 20.23 6.16
C GLU A 318 33.71 19.39 6.79
N GLU A 319 33.35 18.57 7.78
CA GLU A 319 34.37 17.69 8.35
C GLU A 319 34.56 16.41 7.54
N LEU A 320 33.53 15.93 6.85
CA LEU A 320 33.63 14.66 6.13
C LEU A 320 34.34 14.78 4.79
N VAL A 321 34.25 15.96 4.15
CA VAL A 321 34.87 16.14 2.84
C VAL A 321 36.34 15.79 2.87
N LYS A 322 37.01 16.06 4.00
CA LYS A 322 38.43 15.76 4.12
C LYS A 322 38.74 14.29 3.91
N ASP A 323 37.73 13.43 3.97
CA ASP A 323 37.90 12.03 3.63
C ASP A 323 37.98 11.90 2.12
N PRO A 324 39.13 11.49 1.55
CA PRO A 324 39.22 11.41 0.09
C PRO A 324 38.18 10.49 -0.53
N ARG A 325 37.70 9.51 0.21
CA ARG A 325 36.64 8.65 -0.29
C ARG A 325 35.37 9.46 -0.55
N VAL A 326 34.97 10.27 0.43
CA VAL A 326 33.82 11.15 0.24
C VAL A 326 34.08 12.08 -0.94
N ALA A 327 35.30 12.58 -1.07
CA ALA A 327 35.64 13.44 -2.19
C ALA A 327 35.37 12.73 -3.51
N ALA A 328 35.82 11.48 -3.63
CA ALA A 328 35.56 10.70 -4.84
C ALA A 328 34.05 10.56 -5.06
N THR A 329 33.31 10.23 -4.00
CA THR A 329 31.87 10.15 -4.12
C THR A 329 31.30 11.44 -4.68
N MET A 330 31.89 12.58 -4.32
CA MET A 330 31.40 13.87 -4.80
C MET A 330 31.80 14.13 -6.24
N GLU A 331 32.96 13.64 -6.67
CA GLU A 331 33.32 13.75 -8.08
C GLU A 331 32.35 12.93 -8.94
N ASN A 332 32.20 11.65 -8.62
CA ASN A 332 31.25 10.81 -9.33
C ASN A 332 29.85 11.42 -9.29
N ALA A 333 29.47 12.00 -8.16
CA ALA A 333 28.15 12.61 -8.05
C ALA A 333 28.00 13.79 -9.00
N GLN A 334 28.96 14.72 -8.95
CA GLN A 334 28.91 15.88 -9.83
C GLN A 334 28.85 15.46 -11.29
N LYS A 335 29.56 14.39 -11.64
CA LYS A 335 29.53 13.92 -13.03
C LYS A 335 28.20 13.29 -13.40
N GLY A 336 27.40 12.88 -12.43
CA GLY A 336 26.17 12.14 -12.69
C GLY A 336 24.95 13.03 -12.75
N GLU A 337 23.80 12.40 -12.48
CA GLU A 337 22.51 13.09 -12.51
C GLU A 337 21.70 12.66 -11.30
N ILE A 338 21.19 13.65 -10.55
CA ILE A 338 20.32 13.35 -9.42
C ILE A 338 19.09 12.59 -9.91
N MET A 339 18.62 11.65 -9.09
CA MET A 339 17.47 10.86 -9.47
C MET A 339 16.21 11.72 -9.44
N PRO A 340 15.31 11.58 -10.42
CA PRO A 340 13.99 12.18 -10.28
C PRO A 340 13.23 11.52 -9.14
N ASN A 341 12.42 12.32 -8.46
CA ASN A 341 11.61 11.82 -7.35
C ASN A 341 10.20 11.44 -7.77
N ILE A 342 9.83 11.68 -9.02
CA ILE A 342 8.47 11.44 -9.50
C ILE A 342 8.03 10.01 -9.19
N PRO A 343 6.73 9.73 -9.12
CA PRO A 343 6.30 8.35 -8.86
C PRO A 343 6.72 7.36 -9.94
N GLN A 344 6.63 7.76 -11.21
CA GLN A 344 6.94 6.86 -12.31
C GLN A 344 8.27 6.14 -12.12
N MET A 345 9.17 6.72 -11.32
CA MET A 345 10.46 6.10 -11.02
C MET A 345 10.32 4.63 -10.67
N SER A 346 9.31 4.27 -9.88
CA SER A 346 9.11 2.87 -9.53
C SER A 346 8.98 2.02 -10.79
N ALA A 347 7.99 2.32 -11.63
CA ALA A 347 7.82 1.59 -12.88
C ALA A 347 9.11 1.57 -13.69
N PHE A 348 9.72 2.74 -13.87
CA PHE A 348 10.99 2.83 -14.57
C PHE A 348 11.97 1.79 -14.05
N TRP A 349 12.29 1.85 -12.76
CA TRP A 349 13.23 0.91 -12.17
C TRP A 349 12.83 -0.54 -12.47
N TYR A 350 11.56 -0.89 -12.24
CA TYR A 350 11.11 -2.23 -12.54
C TYR A 350 11.47 -2.64 -13.98
N ALA A 351 11.01 -1.83 -14.94
CA ALA A 351 11.30 -2.09 -16.35
C ALA A 351 12.80 -2.29 -16.57
N VAL A 352 13.60 -1.32 -16.15
CA VAL A 352 15.05 -1.39 -16.36
C VAL A 352 15.60 -2.70 -15.80
N ARG A 353 15.21 -3.04 -14.57
CA ARG A 353 15.66 -4.26 -13.95
C ARG A 353 15.37 -5.46 -14.85
N THR A 354 14.10 -5.63 -15.23
CA THR A 354 13.73 -6.70 -16.14
C THR A 354 14.64 -6.72 -17.36
N ALA A 355 14.83 -5.55 -17.98
CA ALA A 355 15.69 -5.45 -19.16
C ALA A 355 17.09 -5.98 -18.87
N VAL A 356 17.76 -5.43 -17.85
CA VAL A 356 19.13 -5.83 -17.53
C VAL A 356 19.21 -7.33 -17.32
N ILE A 357 18.33 -7.87 -16.48
CA ILE A 357 18.37 -9.30 -16.18
C ILE A 357 18.21 -10.10 -17.47
N ASN A 358 17.15 -9.81 -18.23
CA ASN A 358 16.86 -10.56 -19.45
C ASN A 358 17.97 -10.43 -20.49
N ALA A 359 18.75 -9.36 -20.44
CA ALA A 359 19.85 -9.16 -21.38
C ALA A 359 21.14 -9.83 -20.91
N ALA A 360 21.34 -9.93 -19.60
CA ALA A 360 22.54 -10.55 -19.05
C ALA A 360 22.43 -12.07 -19.06
N SER A 361 21.27 -12.59 -18.65
CA SER A 361 21.03 -14.03 -18.70
C SER A 361 20.90 -14.56 -20.11
N GLY A 362 20.79 -13.68 -21.12
CA GLY A 362 20.63 -14.10 -22.49
C GLY A 362 19.20 -14.33 -22.93
N ARG A 363 18.22 -13.99 -22.08
CA ARG A 363 16.83 -14.21 -22.45
C ARG A 363 16.40 -13.30 -23.59
N GLN A 364 16.80 -12.04 -23.56
CA GLN A 364 16.41 -11.06 -24.56
C GLN A 364 17.65 -10.39 -25.14
N THR A 365 17.46 -9.78 -26.30
CA THR A 365 18.52 -8.99 -26.93
C THR A 365 18.53 -7.58 -26.36
N VAL A 366 19.65 -6.89 -26.60
CA VAL A 366 19.80 -5.53 -26.10
C VAL A 366 18.73 -4.63 -26.71
N ASP A 367 18.61 -4.65 -28.03
CA ASP A 367 17.62 -3.81 -28.71
C ASP A 367 16.21 -4.15 -28.24
N ALA A 368 15.93 -5.44 -28.05
CA ALA A 368 14.59 -5.85 -27.62
C ALA A 368 14.33 -5.47 -26.17
N ALA A 369 15.24 -5.84 -25.27
CA ALA A 369 15.06 -5.52 -23.86
C ALA A 369 14.93 -4.02 -23.63
N LEU A 370 15.69 -3.22 -24.39
CA LEU A 370 15.69 -1.78 -24.19
C LEU A 370 14.53 -1.09 -24.89
N ALA A 371 14.06 -1.63 -26.02
CA ALA A 371 12.80 -1.16 -26.58
C ALA A 371 11.65 -1.40 -25.60
N ALA A 372 11.51 -2.65 -25.14
CA ALA A 372 10.49 -2.96 -24.15
C ALA A 372 10.62 -2.09 -22.91
N ALA A 373 11.86 -1.79 -22.51
CA ALA A 373 12.06 -0.88 -21.38
C ALA A 373 11.61 0.52 -21.73
N GLN A 374 11.77 0.95 -23.01
CA GLN A 374 11.28 2.29 -23.39
C GLN A 374 9.76 2.35 -23.32
N THR A 375 9.06 1.23 -23.59
CA THR A 375 7.61 1.29 -23.46
C THR A 375 7.14 1.14 -22.01
N ASN A 376 7.77 0.25 -21.25
CA ASN A 376 7.30 -0.05 -19.90
C ASN A 376 7.72 1.01 -18.90
N ALA A 377 8.82 1.71 -19.14
CA ALA A 377 9.32 2.66 -18.17
C ALA A 377 8.22 3.67 -17.80
N ALA A 378 7.82 4.49 -18.77
CA ALA A 378 6.76 5.46 -18.56
C ALA A 378 5.42 4.75 -18.64
N ALA A 379 4.57 4.97 -17.64
CA ALA A 379 3.26 4.34 -17.61
C ALA A 379 2.52 4.87 -16.40
N GLU A 380 1.24 4.49 -16.30
CA GLU A 380 0.38 4.80 -15.16
C GLU A 380 0.69 6.16 -14.58
N THR A 381 0.66 7.17 -15.45
CA THR A 381 0.80 8.57 -15.05
C THR A 381 -0.23 8.94 -13.98
N VAL A 382 0.06 9.96 -13.15
CA VAL A 382 -0.87 10.31 -12.08
C VAL A 382 -2.04 11.09 -12.64
N HIS A 383 -3.21 10.88 -12.03
CA HIS A 383 -4.42 11.61 -12.38
C HIS A 383 -4.83 12.64 -11.34
N CYS A 384 -4.31 12.55 -10.12
CA CYS A 384 -4.60 13.52 -9.08
C CYS A 384 -3.66 13.27 -7.91
N ASP A 385 -3.60 14.25 -7.00
CA ASP A 385 -2.80 14.15 -5.79
C ASP A 385 -3.72 13.77 -4.63
N LEU A 386 -3.53 12.56 -4.10
CA LEU A 386 -4.34 12.11 -2.98
C LEU A 386 -3.95 12.86 -1.72
N GLN A 387 -4.96 13.33 -1.00
CA GLN A 387 -4.76 14.05 0.25
C GLN A 387 -5.59 13.39 1.35
N PRO A 388 -5.10 13.39 2.59
CA PRO A 388 -5.90 12.82 3.67
C PRO A 388 -7.26 13.51 3.80
N VAL A 389 -8.27 12.71 4.11
CA VAL A 389 -9.63 13.20 4.28
C VAL A 389 -9.97 13.09 5.77
N GLY A 390 -10.56 14.16 6.31
CA GLY A 390 -10.88 14.21 7.72
C GLY A 390 -11.92 13.18 8.10
N PRO A 391 -11.98 12.81 9.38
CA PRO A 391 -12.98 11.82 9.79
C PRO A 391 -14.40 12.28 9.51
N GLU A 392 -14.71 13.54 9.85
CA GLU A 392 -16.05 14.05 9.63
C GLU A 392 -16.45 14.01 8.16
N ARG A 393 -15.48 14.02 7.24
CA ARG A 393 -15.80 13.90 5.82
C ARG A 393 -16.04 12.44 5.44
N GLY A 394 -15.17 11.54 5.88
CA GLY A 394 -15.33 10.13 5.60
C GLY A 394 -14.86 9.30 6.78
N GLU A 395 -15.50 8.14 6.94
CA GLU A 395 -15.22 7.25 8.06
C GLU A 395 -15.29 5.80 7.60
N VAL A 396 -14.33 4.99 8.04
CA VAL A 396 -14.26 3.58 7.67
C VAL A 396 -14.04 2.74 8.93
N THR A 397 -14.77 1.63 9.01
CA THR A 397 -14.50 0.60 10.00
C THR A 397 -14.56 -0.75 9.30
N TYR A 398 -13.84 -1.72 9.84
CA TYR A 398 -13.75 -3.02 9.18
C TYR A 398 -13.27 -4.06 10.17
N THR A 399 -13.48 -5.33 9.80
CA THR A 399 -13.01 -6.48 10.56
C THR A 399 -12.19 -7.35 9.63
N THR A 400 -10.94 -7.60 9.99
CA THR A 400 -10.01 -8.30 9.13
C THR A 400 -9.37 -9.47 9.87
N SER A 401 -8.76 -10.36 9.10
CA SER A 401 -8.02 -11.48 9.64
C SER A 401 -6.51 -11.29 9.54
N GLN A 402 -6.05 -10.24 8.87
CA GLN A 402 -4.63 -9.99 8.72
C GLN A 402 -4.08 -9.25 9.94
N VAL A 403 -2.76 -9.33 10.10
CA VAL A 403 -2.09 -8.76 11.25
C VAL A 403 -0.73 -8.26 10.80
N SER A 404 -0.21 -7.25 11.51
CA SER A 404 1.12 -6.73 11.20
C SER A 404 2.13 -7.86 11.12
N LYS A 405 2.22 -8.67 12.17
CA LYS A 405 3.00 -9.90 12.18
C LYS A 405 2.11 -11.01 12.74
N GLY A 406 2.25 -12.21 12.19
CA GLY A 406 1.35 -13.29 12.58
C GLY A 406 1.91 -14.64 12.25
N CYS A 407 1.44 -15.65 13.00
CA CYS A 407 1.74 -17.05 12.72
C CYS A 407 0.62 -17.88 13.34
N VAL A 408 0.31 -19.00 12.69
CA VAL A 408 -0.66 -19.97 13.19
C VAL A 408 -0.04 -21.35 13.05
N ALA A 409 -0.09 -22.14 14.11
CA ALA A 409 0.51 -23.47 14.14
C ALA A 409 -0.37 -24.42 14.91
N GLN A 410 -0.11 -25.71 14.73
CA GLN A 410 -0.86 -26.77 15.37
C GLN A 410 -0.01 -27.44 16.45
N ALA A 411 -0.67 -27.97 17.48
CA ALA A 411 -0.01 -28.56 18.63
C ALA A 411 -0.58 -29.95 18.90
N PRO A 412 -0.08 -30.98 18.22
CA PRO A 412 -0.57 -32.34 18.48
C PRO A 412 -0.20 -32.83 19.87
N ASN A 413 -1.18 -33.43 20.54
CA ASN A 413 -1.01 -34.05 21.85
C ASN A 413 -0.64 -33.06 22.94
N ALA A 414 -0.69 -31.76 22.66
CA ALA A 414 -0.32 -30.75 23.64
C ALA A 414 -1.42 -30.62 24.68
N ILE A 415 -1.07 -30.81 25.95
CA ILE A 415 -2.04 -30.65 27.02
C ILE A 415 -2.38 -29.19 27.24
N LEU A 416 -1.46 -28.29 26.91
CA LEU A 416 -1.67 -26.86 27.08
C LEU A 416 -1.25 -26.14 25.80
N GLU A 417 -2.10 -25.26 25.31
CA GLU A 417 -1.83 -24.46 24.13
C GLU A 417 -1.60 -23.01 24.54
N VAL A 418 -0.68 -22.34 23.84
CA VAL A 418 -0.26 -20.99 24.17
C VAL A 418 -0.70 -20.05 23.06
N HIS A 419 -1.14 -18.86 23.44
CA HIS A 419 -1.51 -17.81 22.50
C HIS A 419 -0.89 -16.50 22.97
N VAL A 420 -0.18 -15.82 22.07
CA VAL A 420 0.53 -14.60 22.37
C VAL A 420 -0.01 -13.48 21.50
N LEU A 421 -0.19 -12.31 22.09
CA LEU A 421 -0.72 -11.15 21.38
C LEU A 421 0.08 -9.92 21.77
N PHE A 422 0.70 -9.28 20.78
CA PHE A 422 1.45 -8.06 21.00
C PHE A 422 0.60 -6.87 20.54
N LEU A 423 0.26 -6.00 21.48
CA LEU A 423 -0.63 -4.88 21.23
C LEU A 423 0.11 -3.56 21.44
N GLU A 424 -0.23 -2.58 20.61
CA GLU A 424 0.43 -1.27 20.66
C GLU A 424 -0.59 -0.20 20.33
N PHE A 425 -0.67 0.81 21.19
CA PHE A 425 -1.66 1.88 21.05
C PHE A 425 -0.98 3.22 21.23
N PRO A 426 -1.63 4.30 20.77
CA PRO A 426 -1.06 5.65 20.99
C PRO A 426 -0.80 5.94 22.47
N THR A 427 -0.11 7.06 22.73
CA THR A 427 0.28 7.42 24.10
C THR A 427 -0.96 7.88 24.86
N GLY A 428 -1.73 6.91 25.34
CA GLY A 428 -2.89 7.20 26.13
C GLY A 428 -3.56 5.94 26.64
N PRO A 429 -4.40 6.08 27.66
CA PRO A 429 -5.17 4.91 28.14
C PRO A 429 -6.25 4.54 27.14
N SER A 430 -6.18 3.31 26.65
CA SER A 430 -7.11 2.81 25.64
C SER A 430 -8.11 1.85 26.28
N GLN A 431 -9.09 1.44 25.49
CA GLN A 431 -10.05 0.42 25.87
C GLN A 431 -10.05 -0.67 24.81
N LEU A 432 -10.19 -1.92 25.25
CA LEU A 432 -10.10 -3.06 24.36
C LEU A 432 -11.12 -4.11 24.76
N GLU A 433 -11.72 -4.75 23.75
CA GLU A 433 -12.69 -5.83 23.96
C GLU A 433 -12.07 -7.11 23.42
N LEU A 434 -11.76 -8.04 24.33
CA LEU A 434 -11.16 -9.31 23.96
C LEU A 434 -12.10 -10.45 24.33
N THR A 435 -12.31 -11.36 23.39
CA THR A 435 -13.20 -12.49 23.59
C THR A 435 -12.52 -13.74 23.04
N LEU A 436 -12.36 -14.75 23.90
CA LEU A 436 -11.82 -16.04 23.50
C LEU A 436 -12.96 -17.03 23.32
N GLN A 437 -13.02 -17.65 22.14
CA GLN A 437 -14.10 -18.56 21.80
C GLN A 437 -13.65 -20.00 22.07
N ALA A 438 -14.43 -20.71 22.87
CA ALA A 438 -14.10 -22.09 23.22
C ALA A 438 -14.31 -23.01 22.02
N SER A 439 -13.47 -24.03 21.93
CA SER A 439 -13.54 -25.01 20.86
C SER A 439 -14.49 -26.14 21.24
N LYS A 440 -14.91 -26.89 20.23
CA LYS A 440 -15.75 -28.06 20.47
C LYS A 440 -14.95 -29.14 21.19
N GLN A 441 -15.67 -30.02 21.87
CA GLN A 441 -15.06 -31.09 22.65
C GLN A 441 -15.42 -32.47 22.10
N PRO A 446 -11.46 -29.79 27.01
CA PRO A 446 -10.79 -29.97 28.31
C PRO A 446 -9.38 -29.43 28.33
N ARG A 447 -8.89 -28.96 27.18
CA ARG A 447 -7.53 -28.43 27.10
C ARG A 447 -7.45 -27.09 27.84
N GLU A 448 -6.45 -26.96 28.69
CA GLU A 448 -6.18 -25.68 29.34
C GLU A 448 -5.34 -24.80 28.45
N VAL A 449 -5.54 -23.49 28.57
CA VAL A 449 -4.96 -22.51 27.67
C VAL A 449 -4.16 -21.49 28.47
N LEU A 450 -3.15 -20.93 27.81
CA LEU A 450 -2.35 -19.85 28.38
C LEU A 450 -2.38 -18.67 27.42
N LEU A 451 -2.69 -17.48 27.96
CA LEU A 451 -2.75 -16.26 27.16
C LEU A 451 -1.69 -15.29 27.69
N VAL A 452 -0.70 -14.99 26.85
CA VAL A 452 0.31 -14.01 27.19
C VAL A 452 0.03 -12.77 26.34
N LEU A 453 -0.19 -11.65 27.00
CA LEU A 453 -0.46 -10.39 26.34
C LEU A 453 0.61 -9.38 26.74
N SER A 454 1.02 -8.56 25.78
CA SER A 454 1.98 -7.49 26.02
C SER A 454 1.43 -6.19 25.44
N VAL A 455 1.67 -5.08 26.14
CA VAL A 455 1.15 -3.77 25.72
C VAL A 455 2.21 -2.70 25.94
N ASN A 456 2.22 -1.73 25.04
CA ASN A 456 3.09 -0.57 25.18
C ASN A 456 2.38 0.67 25.74
N SER A 457 1.09 0.57 26.07
CA SER A 457 0.37 1.67 26.70
C SER A 457 -0.68 1.12 27.65
N SER A 458 -1.07 1.94 28.61
CA SER A 458 -2.13 1.53 29.54
C SER A 458 -3.37 1.12 28.77
N VAL A 459 -4.12 0.18 29.32
CA VAL A 459 -5.27 -0.39 28.64
C VAL A 459 -6.31 -0.80 29.67
N PHE A 460 -7.57 -0.47 29.37
CA PHE A 460 -8.72 -0.96 30.12
C PHE A 460 -9.37 -2.07 29.29
N LEU A 461 -9.39 -3.28 29.84
CA LEU A 461 -9.68 -4.48 29.06
C LEU A 461 -11.00 -5.12 29.49
N HIS A 462 -11.76 -5.57 28.51
CA HIS A 462 -12.99 -6.35 28.72
C HIS A 462 -12.73 -7.77 28.23
N LEU A 463 -12.36 -8.65 29.16
CA LEU A 463 -12.03 -10.03 28.81
C LEU A 463 -13.26 -10.91 28.93
N GLN A 464 -13.47 -11.78 27.94
CA GLN A 464 -14.59 -12.71 27.92
C GLN A 464 -14.04 -14.09 27.61
N ALA A 465 -13.96 -14.94 28.64
CA ALA A 465 -13.49 -16.32 28.51
C ALA A 465 -14.50 -17.23 29.19
N LEU A 466 -15.26 -17.97 28.39
CA LEU A 466 -16.35 -18.80 28.88
C LEU A 466 -15.99 -20.28 28.71
N GLY A 467 -16.04 -21.02 29.81
CA GLY A 467 -15.76 -22.45 29.77
C GLY A 467 -14.35 -22.78 29.35
N ILE A 468 -13.41 -21.87 29.56
CA ILE A 468 -12.01 -22.04 29.16
C ILE A 468 -11.18 -22.17 30.42
N PRO A 469 -10.48 -23.30 30.63
CA PRO A 469 -9.48 -23.35 31.70
C PRO A 469 -8.26 -22.50 31.36
N LEU A 470 -8.37 -21.20 31.60
CA LEU A 470 -7.44 -20.20 31.11
C LEU A 470 -6.45 -19.77 32.18
N HIS A 471 -5.23 -19.46 31.74
CA HIS A 471 -4.22 -18.81 32.56
C HIS A 471 -3.78 -17.53 31.87
N LEU A 472 -3.31 -16.56 32.64
CA LEU A 472 -3.01 -15.23 32.13
C LEU A 472 -1.56 -14.84 32.43
N ALA A 473 -1.04 -13.92 31.61
CA ALA A 473 0.31 -13.39 31.79
C ALA A 473 0.33 -11.98 31.21
N TYR A 474 0.63 -10.99 32.05
CA TYR A 474 0.48 -9.60 31.62
C TYR A 474 1.07 -8.66 32.65
N ASN A 475 0.96 -7.36 32.39
CA ASN A 475 1.38 -6.31 33.30
C ASN A 475 0.24 -6.05 34.27
N SER A 476 0.49 -6.33 35.54
CA SER A 476 -0.51 -5.99 36.55
C SER A 476 -0.73 -4.49 36.64
N SER A 477 0.28 -3.70 36.27
CA SER A 477 0.20 -2.25 36.40
C SER A 477 -0.40 -1.57 35.18
N LEU A 478 -0.19 -2.11 33.98
CA LEU A 478 -0.68 -1.48 32.76
C LEU A 478 -2.09 -1.90 32.41
N VAL A 479 -2.47 -3.14 32.71
CA VAL A 479 -3.78 -3.67 32.34
C VAL A 479 -4.73 -3.51 33.51
N THR A 480 -5.96 -3.09 33.21
CA THR A 480 -7.03 -2.97 34.19
C THR A 480 -8.26 -3.66 33.64
N PHE A 481 -8.74 -4.69 34.34
CA PHE A 481 -9.87 -5.46 33.89
C PHE A 481 -11.18 -4.88 34.40
N GLN A 482 -12.21 -4.96 33.55
CA GLN A 482 -13.57 -4.70 34.03
C GLN A 482 -14.08 -5.85 34.88
N GLU A 483 -13.66 -7.08 34.57
CA GLU A 483 -14.06 -8.28 35.30
C GLU A 483 -12.79 -9.08 35.61
N PRO A 484 -12.05 -8.70 36.64
CA PRO A 484 -10.74 -9.31 36.88
C PRO A 484 -10.86 -10.69 37.50
N PRO A 485 -10.02 -11.64 37.08
CA PRO A 485 -9.92 -12.92 37.77
C PRO A 485 -8.75 -12.96 38.75
N GLY A 486 -8.98 -13.67 39.86
CA GLY A 486 -8.02 -13.72 40.94
C GLY A 486 -6.86 -14.66 40.70
N VAL A 487 -7.14 -15.95 40.48
CA VAL A 487 -6.11 -16.99 40.47
C VAL A 487 -5.72 -17.31 39.03
N ASN A 488 -4.57 -17.99 38.88
CA ASN A 488 -4.06 -18.42 37.57
C ASN A 488 -3.59 -17.23 36.73
N THR A 489 -2.96 -16.26 37.39
CA THR A 489 -2.45 -15.06 36.74
C THR A 489 -0.94 -15.00 36.96
N THR A 490 -0.25 -14.36 36.01
CA THR A 490 1.21 -14.33 36.01
C THR A 490 1.69 -12.95 35.60
N GLU A 491 2.71 -12.46 36.32
CA GLU A 491 3.29 -11.16 35.99
C GLU A 491 4.24 -11.31 34.81
N LEU A 492 4.06 -10.45 33.80
CA LEU A 492 4.83 -10.57 32.57
C LEU A 492 6.23 -9.99 32.77
N PRO A 493 7.29 -10.75 32.50
CA PRO A 493 8.64 -10.20 32.65
C PRO A 493 8.98 -9.18 31.58
N SER A 494 10.03 -8.40 31.85
CA SER A 494 10.51 -7.35 30.95
C SER A 494 11.54 -7.94 30.00
N PHE A 495 11.07 -8.44 28.86
CA PHE A 495 11.94 -9.03 27.85
C PHE A 495 11.61 -8.44 26.49
N PRO A 496 12.53 -8.57 25.53
CA PRO A 496 12.18 -8.27 24.14
C PRO A 496 11.10 -9.20 23.65
N LYS A 497 10.48 -8.81 22.52
CA LYS A 497 9.35 -9.58 21.99
C LYS A 497 9.75 -11.03 21.72
N THR A 498 10.88 -11.24 21.06
CA THR A 498 11.33 -12.59 20.76
C THR A 498 11.54 -13.38 22.04
N GLN A 499 12.22 -12.79 23.03
CA GLN A 499 12.42 -13.48 24.29
C GLN A 499 11.10 -13.71 25.01
N ILE A 500 10.10 -12.87 24.78
CA ILE A 500 8.77 -13.14 25.29
C ILE A 500 8.20 -14.39 24.63
N LEU A 501 8.41 -14.53 23.32
CA LEU A 501 7.92 -15.71 22.61
C LEU A 501 8.57 -16.97 23.16
N GLU A 502 9.90 -16.97 23.26
CA GLU A 502 10.60 -18.12 23.81
C GLU A 502 10.12 -18.43 25.22
N TRP A 503 10.07 -17.41 26.07
CA TRP A 503 9.65 -17.61 27.45
C TRP A 503 8.26 -18.23 27.52
N ALA A 504 7.34 -17.75 26.69
CA ALA A 504 6.00 -18.34 26.65
C ALA A 504 6.05 -19.77 26.16
N ALA A 505 6.93 -20.06 25.20
CA ALA A 505 7.05 -21.41 24.68
C ALA A 505 7.58 -22.37 25.75
N GLU A 506 8.32 -21.85 26.74
CA GLU A 506 8.83 -22.72 27.78
C GLU A 506 7.74 -23.36 28.63
N ARG A 507 6.51 -22.85 28.55
CA ARG A 507 5.39 -23.45 29.26
C ARG A 507 4.56 -24.38 28.38
N GLY A 508 4.40 -24.03 27.10
CA GLY A 508 3.66 -24.86 26.18
C GLY A 508 3.83 -24.40 24.75
N PRO A 509 3.46 -25.25 23.79
CA PRO A 509 3.59 -24.87 22.38
C PRO A 509 2.68 -23.72 22.03
N ILE A 510 3.18 -22.82 21.19
CA ILE A 510 2.42 -21.65 20.74
C ILE A 510 1.64 -22.05 19.49
N THR A 511 0.31 -22.02 19.60
CA THR A 511 -0.53 -22.37 18.47
C THR A 511 -0.75 -21.19 17.53
N SER A 512 -0.72 -19.96 18.06
CA SER A 512 -0.93 -18.78 17.23
C SER A 512 -0.32 -17.58 17.94
N ALA A 513 0.03 -16.58 17.14
CA ALA A 513 0.59 -15.34 17.66
C ALA A 513 0.39 -14.24 16.62
N ALA A 514 0.21 -13.02 17.10
CA ALA A 514 -0.03 -11.90 16.20
C ALA A 514 0.36 -10.60 16.89
N GLU A 515 0.83 -9.64 16.09
CA GLU A 515 1.14 -8.29 16.56
C GLU A 515 0.11 -7.34 15.95
N LEU A 516 -0.74 -6.77 16.80
CA LEU A 516 -1.77 -5.84 16.37
C LEU A 516 -1.40 -4.43 16.82
N ASN A 517 -1.82 -3.44 16.03
CA ASN A 517 -1.58 -2.04 16.35
C ASN A 517 -2.92 -1.35 16.61
N ASP A 518 -3.09 -0.87 17.84
CA ASP A 518 -4.29 -0.13 18.23
C ASP A 518 -5.56 -0.89 17.88
N PRO A 519 -5.75 -2.10 18.41
CA PRO A 519 -6.99 -2.83 18.16
C PRO A 519 -8.14 -2.30 19.00
N GLN A 520 -9.32 -2.24 18.38
CA GLN A 520 -10.54 -1.90 19.12
C GLN A 520 -11.15 -3.14 19.74
N SER A 521 -11.35 -4.19 18.95
CA SER A 521 -11.88 -5.46 19.44
C SER A 521 -11.05 -6.59 18.84
N ILE A 522 -11.05 -7.73 19.54
CA ILE A 522 -10.28 -8.89 19.12
C ILE A 522 -11.11 -10.14 19.39
N LEU A 523 -11.18 -11.03 18.41
CA LEU A 523 -11.82 -12.33 18.57
C LEU A 523 -10.80 -13.41 18.27
N LEU A 524 -10.58 -14.30 19.23
CA LEU A 524 -9.60 -15.38 19.10
C LEU A 524 -10.32 -16.71 19.23
N ARG A 525 -10.30 -17.50 18.16
CA ARG A 525 -10.96 -18.79 18.13
C ARG A 525 -9.95 -19.90 18.34
N LEU A 526 -10.21 -20.78 19.30
CA LEU A 526 -9.33 -21.90 19.59
C LEU A 526 -9.68 -23.08 18.70
N GLY A 527 -8.68 -23.93 18.44
CA GLY A 527 -8.89 -25.12 17.65
C GLY A 527 -9.18 -24.87 16.19
N GLN A 528 -9.03 -23.63 15.71
CA GLN A 528 -9.25 -23.31 14.30
C GLN A 528 -7.96 -23.31 13.50
N ALA A 529 -6.95 -24.03 13.96
CA ALA A 529 -5.66 -24.05 13.27
C ALA A 529 -5.83 -24.47 11.82
N GLN A 530 -5.36 -23.63 10.91
CA GLN A 530 -5.50 -23.87 9.48
C GLN A 530 -4.31 -24.64 8.93
N GLY A 531 -4.56 -25.44 7.90
CA GLY A 531 -3.52 -26.20 7.25
C GLY A 531 -2.79 -27.09 8.24
N SER A 532 -1.55 -27.41 7.87
CA SER A 532 -0.66 -28.26 8.68
C SER A 532 0.66 -27.53 8.84
N LEU A 533 0.79 -26.77 9.92
CA LEU A 533 2.03 -26.09 10.26
C LEU A 533 2.30 -26.31 11.73
N SER A 534 3.45 -26.91 12.04
CA SER A 534 3.74 -27.35 13.40
C SER A 534 4.49 -26.31 14.22
N PHE A 535 5.15 -25.35 13.59
CA PHE A 535 5.87 -24.31 14.28
C PHE A 535 5.30 -22.96 13.89
N CYS A 536 5.16 -22.10 14.88
CA CYS A 536 4.67 -20.75 14.67
C CYS A 536 5.87 -19.85 14.41
N MET A 537 5.92 -19.27 13.21
CA MET A 537 7.00 -18.37 12.81
C MET A 537 6.37 -17.08 12.31
N LEU A 538 6.65 -15.98 12.99
CA LEU A 538 6.04 -14.70 12.65
C LEU A 538 6.37 -14.33 11.21
N GLU A 539 5.32 -14.00 10.45
CA GLU A 539 5.46 -13.55 9.07
C GLU A 539 4.69 -12.25 8.92
N ALA A 540 5.35 -11.24 8.34
CA ALA A 540 4.70 -9.95 8.15
C ALA A 540 3.47 -10.13 7.26
N SER A 541 2.40 -9.40 7.60
CA SER A 541 1.16 -9.45 6.84
C SER A 541 0.64 -10.89 6.74
N GLN A 542 0.75 -11.63 7.84
CA GLN A 542 0.28 -13.01 7.84
C GLN A 542 -1.23 -13.07 7.90
N ASP A 543 -1.79 -14.08 7.23
CA ASP A 543 -3.22 -14.33 7.24
C ASP A 543 -3.54 -15.28 8.38
N MET A 544 -4.28 -14.79 9.37
CA MET A 544 -4.62 -15.60 10.54
C MET A 544 -5.76 -16.56 10.28
N GLY A 545 -6.49 -16.41 9.17
CA GLY A 545 -7.58 -17.32 8.88
C GLY A 545 -8.68 -17.26 9.92
N ARG A 546 -9.23 -18.43 10.25
CA ARG A 546 -10.30 -18.52 11.23
C ARG A 546 -9.82 -18.34 12.66
N THR A 547 -8.51 -18.26 12.87
CA THR A 547 -7.99 -18.17 14.23
C THR A 547 -8.34 -16.83 14.88
N LEU A 548 -7.98 -15.74 14.22
CA LEU A 548 -8.09 -14.41 14.81
C LEU A 548 -8.84 -13.49 13.85
N GLU A 549 -9.67 -12.62 14.42
CA GLU A 549 -10.39 -11.60 13.67
C GLU A 549 -10.58 -10.39 14.56
N TRP A 550 -9.99 -9.26 14.19
CA TRP A 550 -9.92 -8.09 15.05
C TRP A 550 -10.38 -6.84 14.31
N ARG A 551 -11.01 -5.93 15.07
CA ARG A 551 -11.41 -4.63 14.56
C ARG A 551 -10.42 -3.58 15.05
N PRO A 552 -9.66 -2.93 14.18
CA PRO A 552 -8.71 -1.93 14.66
C PRO A 552 -9.41 -0.66 15.12
N ARG A 553 -8.76 0.05 16.04
CA ARG A 553 -9.26 1.36 16.47
C ARG A 553 -9.19 2.37 15.34
N THR A 554 -7.98 2.64 14.85
CA THR A 554 -7.79 3.62 13.80
C THR A 554 -7.76 2.93 12.44
N PRO A 555 -8.58 3.36 11.48
CA PRO A 555 -8.53 2.73 10.16
C PRO A 555 -7.46 3.37 9.27
N ALA A 556 -7.33 2.90 8.03
CA ALA A 556 -6.43 3.54 7.09
C ALA A 556 -6.88 4.98 6.84
N LEU A 557 -5.90 5.87 6.72
CA LEU A 557 -6.21 7.29 6.56
C LEU A 557 -7.00 7.51 5.28
N VAL A 558 -8.22 8.05 5.43
CA VAL A 558 -9.08 8.28 4.27
C VAL A 558 -8.40 9.27 3.34
N ARG A 559 -8.60 9.07 2.04
CA ARG A 559 -7.95 9.91 1.04
C ARG A 559 -8.92 10.22 -0.08
N GLY A 560 -8.69 11.34 -0.75
CA GLY A 560 -9.51 11.77 -1.86
C GLY A 560 -8.76 12.81 -2.67
N CYS A 561 -9.41 13.31 -3.71
CA CYS A 561 -8.80 14.27 -4.61
C CYS A 561 -9.86 14.79 -5.57
N HIS A 562 -9.47 15.75 -6.40
CA HIS A 562 -10.32 16.30 -7.46
C HIS A 562 -9.67 16.01 -8.80
N LEU A 563 -10.42 15.39 -9.70
CA LEU A 563 -9.91 15.04 -11.03
C LEU A 563 -10.11 16.22 -11.96
N GLU A 564 -9.02 16.90 -12.29
CA GLU A 564 -9.08 18.08 -13.14
C GLU A 564 -9.56 17.71 -14.54
N GLY A 565 -10.11 18.71 -15.23
CA GLY A 565 -10.57 18.50 -16.59
C GLY A 565 -11.74 17.57 -16.71
N VAL A 566 -12.51 17.38 -15.64
CA VAL A 566 -13.69 16.51 -15.65
C VAL A 566 -14.90 17.37 -15.31
N ALA A 567 -15.87 17.40 -16.22
CA ALA A 567 -17.06 18.22 -16.02
C ALA A 567 -18.04 17.52 -15.09
N GLY A 568 -18.99 18.30 -14.59
CA GLY A 568 -20.04 17.77 -13.74
C GLY A 568 -19.56 17.38 -12.36
N HIS A 569 -20.49 17.05 -11.47
CA HIS A 569 -20.19 16.64 -10.11
C HIS A 569 -20.58 15.17 -9.95
N LYS A 570 -19.58 14.29 -9.93
CA LYS A 570 -19.80 12.86 -9.77
C LYS A 570 -18.82 12.34 -8.74
N GLU A 571 -19.34 11.81 -7.64
CA GLU A 571 -18.51 11.36 -6.54
C GLU A 571 -17.99 9.95 -6.81
N ALA A 572 -16.72 9.73 -6.45
CA ALA A 572 -16.07 8.44 -6.64
C ALA A 572 -15.52 7.95 -5.31
N HIS A 573 -16.00 6.79 -4.86
CA HIS A 573 -15.54 6.15 -3.64
C HIS A 573 -14.82 4.86 -4.03
N ILE A 574 -13.55 4.75 -3.65
CA ILE A 574 -12.70 3.65 -4.07
C ILE A 574 -12.27 2.84 -2.87
N LEU A 575 -12.33 1.52 -3.01
CA LEU A 575 -11.85 0.59 -1.99
C LEU A 575 -10.99 -0.47 -2.67
N ARG A 576 -9.80 -0.70 -2.14
CA ARG A 576 -8.84 -1.61 -2.75
C ARG A 576 -8.28 -2.53 -1.70
N VAL A 577 -8.56 -3.83 -1.84
CA VAL A 577 -8.06 -4.82 -0.89
C VAL A 577 -6.65 -5.19 -1.27
N LEU A 578 -5.75 -5.30 -0.29
CA LEU A 578 -4.37 -5.63 -0.59
C LEU A 578 -4.16 -7.15 -0.72
N PRO A 579 -3.03 -7.54 -1.33
CA PRO A 579 -2.74 -8.98 -1.51
C PRO A 579 -2.88 -9.76 -0.21
N GLY A 580 -3.37 -10.99 -0.35
CA GLY A 580 -3.80 -11.80 0.76
C GLY A 580 -3.05 -13.05 1.15
N HIS A 581 -1.86 -13.30 0.60
CA HIS A 581 -0.99 -14.35 1.10
C HIS A 581 -1.65 -15.74 1.01
N SER A 582 -2.09 -16.09 -0.20
CA SER A 582 -2.41 -17.48 -0.55
C SER A 582 -3.54 -18.05 0.33
N ALA A 583 -4.76 -17.60 0.02
CA ALA A 583 -5.96 -18.15 0.67
C ALA A 583 -7.03 -18.50 -0.37
N GLY A 584 -8.02 -19.31 0.04
CA GLY A 584 -9.12 -19.64 -0.84
C GLY A 584 -10.01 -18.45 -1.10
N PRO A 585 -10.95 -18.60 -2.05
CA PRO A 585 -11.78 -17.46 -2.44
C PRO A 585 -12.67 -17.01 -1.30
N ARG A 586 -12.69 -15.70 -1.07
CA ARG A 586 -13.38 -15.11 0.07
C ARG A 586 -14.46 -14.15 -0.41
N THR A 587 -15.41 -13.88 0.48
CA THR A 587 -16.49 -12.95 0.23
C THR A 587 -16.31 -11.76 1.16
N VAL A 588 -16.10 -10.59 0.58
CA VAL A 588 -15.89 -9.35 1.34
C VAL A 588 -17.22 -8.60 1.38
N THR A 589 -17.70 -8.34 2.60
CA THR A 589 -18.93 -7.59 2.80
C THR A 589 -18.63 -6.10 2.87
N VAL A 590 -19.51 -5.28 2.30
CA VAL A 590 -19.29 -3.85 2.19
C VAL A 590 -20.61 -3.14 2.46
N LYS A 591 -20.63 -2.26 3.46
CA LYS A 591 -21.78 -1.42 3.77
C LYS A 591 -21.44 0.03 3.49
N VAL A 592 -22.37 0.75 2.88
CA VAL A 592 -22.17 2.15 2.51
C VAL A 592 -23.31 2.98 3.10
N GLU A 593 -22.97 4.17 3.59
CA GLU A 593 -23.95 5.07 4.18
C GLU A 593 -23.55 6.50 3.81
N LEU A 594 -24.22 7.07 2.81
CA LEU A 594 -23.95 8.42 2.35
C LEU A 594 -24.93 9.37 3.04
N SER A 595 -24.44 10.02 4.08
CA SER A 595 -25.25 10.97 4.84
C SER A 595 -25.26 12.32 4.13
N CYS A 596 -26.36 13.04 4.28
CA CYS A 596 -26.59 14.31 3.60
C CYS A 596 -26.25 14.19 2.12
N ALA A 597 -26.85 13.17 1.47
CA ALA A 597 -26.69 12.93 0.04
C ALA A 597 -27.89 13.46 -0.71
N PRO A 598 -27.70 14.25 -1.78
CA PRO A 598 -28.84 14.77 -2.53
C PRO A 598 -29.75 13.66 -3.03
N GLY A 599 -31.01 14.01 -3.25
CA GLY A 599 -31.99 13.02 -3.70
C GLY A 599 -31.50 12.21 -4.88
N ASP A 600 -31.08 12.89 -5.94
CA ASP A 600 -30.52 12.25 -7.13
C ASP A 600 -29.02 12.53 -7.12
N LEU A 601 -28.25 11.60 -6.57
CA LEU A 601 -26.80 11.71 -6.47
C LEU A 601 -26.15 10.77 -7.48
N ASP A 602 -25.17 11.28 -8.21
CA ASP A 602 -24.41 10.50 -9.18
C ASP A 602 -23.06 10.15 -8.56
N ALA A 603 -22.97 8.96 -7.98
CA ALA A 603 -21.74 8.49 -7.35
C ALA A 603 -21.36 7.14 -7.95
N VAL A 604 -20.17 6.65 -7.59
CA VAL A 604 -19.67 5.37 -8.08
C VAL A 604 -18.88 4.70 -6.97
N LEU A 605 -18.91 3.37 -6.97
CA LEU A 605 -18.15 2.54 -6.04
C LEU A 605 -17.18 1.68 -6.83
N ILE A 606 -15.90 1.76 -6.47
CA ILE A 606 -14.85 1.00 -7.12
C ILE A 606 -14.27 0.03 -6.11
N LEU A 607 -14.50 -1.26 -6.31
CA LEU A 607 -14.04 -2.31 -5.40
C LEU A 607 -12.98 -3.13 -6.13
N GLN A 608 -11.72 -2.96 -5.74
CA GLN A 608 -10.61 -3.68 -6.32
C GLN A 608 -10.09 -4.69 -5.31
N GLY A 609 -9.83 -5.91 -5.78
CA GLY A 609 -9.30 -6.96 -4.93
C GLY A 609 -8.71 -8.09 -5.75
N PRO A 610 -8.03 -9.01 -5.07
CA PRO A 610 -7.43 -10.14 -5.78
C PRO A 610 -8.46 -10.90 -6.58
N PRO A 611 -8.03 -11.78 -7.49
CA PRO A 611 -9.01 -12.56 -8.27
C PRO A 611 -9.89 -13.44 -7.41
N TYR A 612 -9.44 -13.82 -6.22
CA TYR A 612 -10.19 -14.72 -5.35
C TYR A 612 -11.11 -13.99 -4.39
N VAL A 613 -11.51 -12.76 -4.71
CA VAL A 613 -12.37 -11.96 -3.84
C VAL A 613 -13.68 -11.72 -4.57
N SER A 614 -14.78 -12.21 -3.99
CA SER A 614 -16.12 -11.84 -4.40
C SER A 614 -16.65 -10.77 -3.44
N TRP A 615 -17.49 -9.89 -3.96
CA TRP A 615 -17.98 -8.74 -3.21
C TRP A 615 -19.45 -8.94 -2.84
N LEU A 616 -19.81 -8.44 -1.66
CA LEU A 616 -21.18 -8.46 -1.18
C LEU A 616 -21.52 -7.05 -0.71
N ILE A 617 -22.43 -6.40 -1.42
CA ILE A 617 -22.65 -4.96 -1.29
C ILE A 617 -23.94 -4.69 -0.55
N ASP A 618 -23.98 -3.54 0.12
CA ASP A 618 -25.17 -3.11 0.86
C ASP A 618 -25.14 -1.59 0.96
N ALA A 619 -26.01 -0.93 0.21
CA ALA A 619 -26.09 0.53 0.21
C ALA A 619 -27.54 0.96 0.19
N ASN A 620 -27.77 2.27 0.35
CA ASN A 620 -29.11 2.81 0.55
C ASN A 620 -29.55 3.79 -0.52
N HIS A 621 -28.75 4.04 -1.55
CA HIS A 621 -29.13 5.01 -2.58
C HIS A 621 -28.64 4.51 -3.94
N ASN A 622 -28.86 5.32 -4.96
CA ASN A 622 -28.54 4.96 -6.33
C ASN A 622 -27.11 5.37 -6.66
N MET A 623 -26.31 4.42 -7.14
CA MET A 623 -24.91 4.68 -7.42
C MET A 623 -24.41 3.67 -8.44
N GLN A 624 -23.22 3.95 -8.97
CA GLN A 624 -22.58 3.06 -9.93
C GLN A 624 -21.76 2.00 -9.20
N ILE A 625 -21.49 0.90 -9.91
CA ILE A 625 -20.70 -0.20 -9.38
C ILE A 625 -19.61 -0.54 -10.39
N TRP A 626 -18.43 -0.87 -9.87
CA TRP A 626 -17.28 -1.21 -10.72
C TRP A 626 -16.34 -2.07 -9.87
N THR A 627 -16.26 -3.36 -10.17
CA THR A 627 -15.58 -4.31 -9.30
C THR A 627 -14.77 -5.30 -10.13
N THR A 628 -13.94 -6.05 -9.42
CA THR A 628 -13.26 -7.21 -9.99
C THR A 628 -13.98 -8.47 -9.55
N GLY A 629 -13.50 -9.62 -10.03
CA GLY A 629 -14.08 -10.88 -9.65
C GLY A 629 -15.56 -10.91 -9.93
N GLU A 630 -16.36 -11.05 -8.87
CA GLU A 630 -17.81 -11.05 -8.98
C GLU A 630 -18.38 -10.33 -7.78
N TYR A 631 -19.61 -9.83 -7.93
CA TYR A 631 -20.25 -9.08 -6.87
C TYR A 631 -21.73 -9.43 -6.77
N SER A 632 -22.26 -9.33 -5.56
CA SER A 632 -23.66 -9.61 -5.27
C SER A 632 -24.18 -8.56 -4.29
N PHE A 633 -25.49 -8.53 -4.11
CA PHE A 633 -26.14 -7.57 -3.22
C PHE A 633 -27.11 -8.30 -2.29
N LYS A 634 -27.67 -7.55 -1.35
CA LYS A 634 -28.72 -8.11 -0.50
C LYS A 634 -29.99 -8.34 -1.29
N ILE A 635 -30.39 -7.36 -2.12
CA ILE A 635 -31.52 -7.55 -3.01
C ILE A 635 -31.13 -8.52 -4.12
N PHE A 636 -32.04 -9.44 -4.45
CA PHE A 636 -31.76 -10.56 -5.34
C PHE A 636 -30.37 -11.12 -5.04
N PRO A 637 -30.16 -11.74 -3.88
CA PRO A 637 -28.79 -12.10 -3.49
C PRO A 637 -28.14 -13.12 -4.42
N GLU A 638 -28.87 -14.14 -4.86
CA GLU A 638 -28.30 -15.12 -5.76
C GLU A 638 -28.03 -14.48 -7.11
N LYS A 639 -27.58 -15.30 -8.07
CA LYS A 639 -27.25 -14.82 -9.41
C LYS A 639 -26.10 -13.81 -9.37
N ASN A 640 -24.93 -14.31 -8.96
CA ASN A 640 -23.73 -13.49 -8.93
C ASN A 640 -23.46 -12.87 -10.29
N ILE A 641 -22.65 -11.82 -10.33
CA ILE A 641 -22.38 -11.06 -11.55
C ILE A 641 -20.88 -11.03 -11.78
N ARG A 642 -20.48 -11.38 -13.01
CA ARG A 642 -19.07 -11.33 -13.38
C ARG A 642 -18.55 -9.91 -13.34
N GLY A 643 -17.34 -9.74 -12.79
CA GLY A 643 -16.69 -8.45 -12.73
C GLY A 643 -15.88 -8.17 -13.99
N PHE A 644 -15.06 -7.14 -13.91
CA PHE A 644 -14.19 -6.72 -15.01
C PHE A 644 -12.74 -6.66 -14.53
N LYS A 645 -11.83 -6.53 -15.49
CA LYS A 645 -10.41 -6.36 -15.17
C LYS A 645 -10.15 -4.89 -14.89
N LEU A 646 -9.79 -4.58 -13.65
CA LEU A 646 -9.54 -3.22 -13.23
C LEU A 646 -8.04 -2.97 -13.04
N PRO A 647 -7.58 -1.74 -13.19
CA PRO A 647 -6.16 -1.44 -12.94
C PRO A 647 -5.76 -1.84 -11.53
N ASP A 648 -4.49 -2.22 -11.38
CA ASP A 648 -3.99 -2.71 -10.10
C ASP A 648 -3.43 -1.60 -9.24
N THR A 649 -2.86 -0.56 -9.84
CA THR A 649 -2.23 0.50 -9.08
C THR A 649 -3.26 1.51 -8.59
N PRO A 650 -2.94 2.26 -7.53
CA PRO A 650 -3.85 3.33 -7.11
C PRO A 650 -4.12 4.33 -8.22
N GLN A 651 -3.07 4.81 -8.89
CA GLN A 651 -3.25 5.74 -10.00
C GLN A 651 -4.03 5.09 -11.12
N GLY A 652 -3.91 3.77 -11.29
CA GLY A 652 -4.73 3.09 -12.28
C GLY A 652 -6.20 3.18 -11.95
N LEU A 653 -6.54 2.94 -10.68
CA LEU A 653 -7.94 3.03 -10.27
C LEU A 653 -8.46 4.46 -10.39
N LEU A 654 -7.66 5.45 -9.98
CA LEU A 654 -8.07 6.84 -10.15
C LEU A 654 -8.30 7.14 -11.62
N GLY A 655 -7.42 6.68 -12.50
CA GLY A 655 -7.62 6.86 -13.93
C GLY A 655 -8.89 6.22 -14.41
N GLU A 656 -9.23 5.05 -13.87
CA GLU A 656 -10.49 4.42 -14.22
C GLU A 656 -11.67 5.26 -13.74
N ALA A 657 -11.53 5.91 -12.59
CA ALA A 657 -12.55 6.84 -12.13
C ALA A 657 -12.72 7.99 -13.11
N ARG A 658 -11.61 8.51 -13.62
CA ARG A 658 -11.70 9.53 -14.67
C ARG A 658 -12.43 8.98 -15.89
N MET A 659 -12.12 7.75 -16.29
CA MET A 659 -12.85 7.12 -17.38
C MET A 659 -14.33 7.00 -17.07
N LEU A 660 -14.69 6.90 -15.80
CA LEU A 660 -16.07 6.85 -15.36
C LEU A 660 -16.69 8.24 -15.25
N ASN A 661 -16.07 9.25 -15.83
CA ASN A 661 -16.59 10.62 -15.79
C ASN A 661 -16.81 11.08 -14.35
N ALA A 662 -15.92 10.66 -13.46
CA ALA A 662 -15.95 11.09 -12.07
C ALA A 662 -15.05 12.31 -11.91
N SER A 663 -15.62 13.40 -11.40
CA SER A 663 -14.86 14.62 -11.22
C SER A 663 -14.25 14.74 -9.83
N ILE A 664 -14.77 14.00 -8.87
CA ILE A 664 -14.28 14.07 -7.48
C ILE A 664 -14.13 12.65 -6.95
N VAL A 665 -13.04 12.42 -6.22
CA VAL A 665 -12.85 11.16 -5.53
C VAL A 665 -13.11 11.42 -4.04
N ALA A 666 -14.34 11.17 -3.61
CA ALA A 666 -14.73 11.51 -2.25
C ALA A 666 -14.04 10.64 -1.21
N SER A 667 -13.70 9.41 -1.57
CA SER A 667 -13.10 8.49 -0.62
C SER A 667 -12.12 7.58 -1.35
N PHE A 668 -11.01 7.27 -0.67
CA PHE A 668 -10.02 6.35 -1.19
C PHE A 668 -9.34 5.66 -0.02
N VAL A 669 -9.34 4.33 -0.02
CA VAL A 669 -8.81 3.56 1.10
C VAL A 669 -8.30 2.23 0.56
N GLU A 670 -7.30 1.68 1.25
CA GLU A 670 -6.72 0.39 0.91
C GLU A 670 -6.60 -0.44 2.17
N LEU A 671 -7.16 -1.65 2.13
CA LEU A 671 -7.19 -2.54 3.28
C LEU A 671 -6.69 -3.91 2.88
N PRO A 672 -6.30 -4.73 3.85
CA PRO A 672 -5.94 -6.13 3.55
C PRO A 672 -7.17 -7.03 3.51
N LEU A 673 -6.96 -8.34 3.37
CA LEU A 673 -8.09 -9.27 3.32
C LEU A 673 -8.94 -9.10 4.57
N ALA A 674 -10.17 -8.59 4.39
CA ALA A 674 -11.07 -8.34 5.50
C ALA A 674 -12.46 -8.81 5.14
N SER A 675 -13.15 -9.41 6.13
CA SER A 675 -14.46 -9.98 5.87
C SER A 675 -15.51 -8.89 5.68
N ILE A 676 -15.53 -7.89 6.56
CA ILE A 676 -16.59 -6.88 6.59
C ILE A 676 -15.96 -5.50 6.60
N VAL A 677 -16.60 -4.57 5.89
CA VAL A 677 -16.17 -3.18 5.82
C VAL A 677 -17.41 -2.30 5.80
N SER A 678 -17.32 -1.14 6.45
CA SER A 678 -18.43 -0.19 6.50
C SER A 678 -17.89 1.22 6.30
N LEU A 679 -18.56 1.99 5.44
CA LEU A 679 -18.11 3.33 5.07
C LEU A 679 -19.24 4.33 5.28
N HIS A 680 -18.91 5.44 5.94
CA HIS A 680 -19.83 6.55 6.15
C HIS A 680 -19.26 7.79 5.48
N ALA A 681 -20.12 8.58 4.85
CA ALA A 681 -19.69 9.71 4.05
C ALA A 681 -20.39 11.00 4.49
N SER A 682 -19.83 12.11 4.03
CA SER A 682 -20.22 13.46 4.43
C SER A 682 -19.81 14.39 3.30
N SER A 683 -19.72 15.69 3.59
CA SER A 683 -19.37 16.78 2.68
C SER A 683 -20.59 17.43 2.04
N CYS A 684 -21.79 16.88 2.26
CA CYS A 684 -23.05 17.53 1.92
C CYS A 684 -22.97 18.50 0.74
N SER B 6 -67.49 -5.73 -11.74
CA SER B 6 -66.14 -5.53 -12.27
C SER B 6 -65.58 -4.19 -11.82
N HIS B 7 -65.61 -3.94 -10.51
CA HIS B 7 -65.08 -2.68 -9.99
C HIS B 7 -63.56 -2.66 -10.12
N CYS B 8 -63.04 -1.48 -10.44
CA CYS B 8 -61.60 -1.31 -10.63
C CYS B 8 -60.84 -1.78 -9.40
N GLN B 9 -59.80 -2.58 -9.62
CA GLN B 9 -59.00 -3.11 -8.52
C GLN B 9 -57.64 -3.54 -9.03
N LYS B 10 -56.70 -3.73 -8.09
CA LYS B 10 -55.35 -4.13 -8.43
C LYS B 10 -55.28 -5.65 -8.53
N THR B 11 -54.66 -6.14 -9.60
CA THR B 11 -54.49 -7.57 -9.84
C THR B 11 -53.04 -7.84 -10.18
N SER B 12 -52.68 -9.13 -10.15
CA SER B 12 -51.30 -9.54 -10.35
C SER B 12 -50.91 -9.49 -11.83
N LEU B 13 -49.63 -9.19 -12.07
CA LEU B 13 -49.08 -9.21 -13.42
C LEU B 13 -47.57 -9.46 -13.30
N ARG B 14 -47.15 -10.68 -13.60
CA ARG B 14 -45.73 -11.03 -13.58
C ARG B 14 -45.09 -10.66 -14.91
N VAL B 15 -43.97 -9.94 -14.85
CA VAL B 15 -43.30 -9.41 -16.02
C VAL B 15 -41.92 -10.03 -16.13
N ASN B 16 -41.48 -10.26 -17.36
CA ASN B 16 -40.14 -10.74 -17.66
C ASN B 16 -39.44 -9.74 -18.56
N PHE B 17 -38.23 -9.33 -18.17
CA PHE B 17 -37.57 -8.25 -18.90
C PHE B 17 -37.09 -8.69 -20.27
N GLU B 18 -36.81 -9.98 -20.46
CA GLU B 18 -36.40 -10.44 -21.78
C GLU B 18 -37.56 -10.36 -22.78
N ASP B 19 -38.76 -10.77 -22.35
CA ASP B 19 -39.90 -10.76 -23.26
C ASP B 19 -40.18 -9.36 -23.78
N ILE B 20 -39.96 -8.33 -22.96
CA ILE B 20 -40.20 -6.95 -23.36
C ILE B 20 -38.99 -6.30 -23.99
N GLY B 21 -37.89 -7.02 -24.14
CA GLY B 21 -36.69 -6.47 -24.74
C GLY B 21 -35.89 -5.55 -23.84
N TRP B 22 -36.12 -5.61 -22.53
CA TRP B 22 -35.39 -4.77 -21.57
C TRP B 22 -34.25 -5.50 -20.89
N ASP B 23 -34.07 -6.80 -21.16
CA ASP B 23 -32.98 -7.54 -20.53
C ASP B 23 -31.62 -6.96 -20.88
N SER B 24 -31.54 -6.14 -21.93
CA SER B 24 -30.25 -5.60 -22.35
C SER B 24 -29.76 -4.53 -21.39
N TRP B 25 -30.62 -3.60 -21.01
CA TRP B 25 -30.25 -2.52 -20.10
C TRP B 25 -30.92 -2.63 -18.74
N ILE B 26 -31.59 -3.76 -18.49
CA ILE B 26 -31.99 -4.18 -17.17
C ILE B 26 -31.38 -5.58 -16.99
N ILE B 27 -30.29 -5.67 -16.25
CA ILE B 27 -29.68 -6.96 -15.99
C ILE B 27 -30.33 -7.66 -14.82
N ALA B 28 -30.91 -6.92 -13.89
CA ALA B 28 -31.43 -7.47 -12.65
C ALA B 28 -32.73 -6.76 -12.31
N PRO B 29 -33.80 -7.50 -11.94
CA PRO B 29 -33.93 -8.95 -11.89
C PRO B 29 -34.27 -9.59 -13.24
N LYS B 30 -34.73 -10.84 -13.21
CA LYS B 30 -35.24 -11.51 -14.41
C LYS B 30 -36.72 -11.24 -14.60
N GLU B 31 -37.52 -11.42 -13.54
CA GLU B 31 -38.93 -11.12 -13.55
C GLU B 31 -39.29 -10.40 -12.26
N TYR B 32 -40.39 -9.64 -12.30
CA TYR B 32 -40.83 -8.90 -11.13
C TYR B 32 -42.33 -8.69 -11.21
N GLU B 33 -42.92 -8.36 -10.06
CA GLU B 33 -44.36 -8.14 -9.98
C GLU B 33 -44.70 -6.71 -10.36
N ALA B 34 -45.60 -6.57 -11.33
CA ALA B 34 -45.96 -5.29 -11.94
C ALA B 34 -47.48 -5.13 -11.95
N TYR B 35 -48.09 -5.28 -10.77
CA TYR B 35 -49.55 -5.34 -10.65
C TYR B 35 -50.22 -4.41 -11.65
N GLU B 36 -51.26 -4.91 -12.30
CA GLU B 36 -52.08 -4.11 -13.21
C GLU B 36 -53.38 -3.71 -12.53
N CYS B 37 -54.10 -2.78 -13.15
CA CYS B 37 -55.39 -2.32 -12.67
C CYS B 37 -56.46 -2.85 -13.61
N LYS B 38 -57.28 -3.77 -13.11
CA LYS B 38 -58.27 -4.46 -13.90
C LYS B 38 -59.66 -4.23 -13.31
N GLY B 39 -60.67 -4.31 -14.18
CA GLY B 39 -62.04 -4.09 -13.77
C GLY B 39 -62.67 -2.92 -14.48
N GLY B 40 -64.00 -2.85 -14.46
CA GLY B 40 -64.71 -1.77 -15.13
C GLY B 40 -64.97 -0.60 -14.20
N CYS B 41 -65.04 0.57 -14.81
CA CYS B 41 -65.43 1.79 -14.12
C CYS B 41 -66.86 2.07 -14.54
N PHE B 42 -67.79 1.77 -13.62
CA PHE B 42 -69.21 2.01 -13.79
C PHE B 42 -69.69 2.68 -12.52
N PHE B 43 -70.45 3.76 -12.67
CA PHE B 43 -71.08 4.40 -11.53
C PHE B 43 -72.15 3.46 -10.95
N PRO B 44 -72.40 3.52 -9.63
CA PRO B 44 -71.74 4.40 -8.68
C PRO B 44 -70.36 3.89 -8.40
N LEU B 45 -69.45 4.82 -8.23
CA LEU B 45 -68.06 4.51 -8.07
C LEU B 45 -67.74 4.38 -6.58
N ALA B 46 -66.90 3.40 -6.25
CA ALA B 46 -66.69 3.00 -4.87
C ALA B 46 -65.83 4.00 -4.12
N ASP B 47 -65.99 4.02 -2.78
CA ASP B 47 -65.25 4.98 -1.96
C ASP B 47 -63.75 4.73 -2.02
N ASP B 48 -63.32 3.46 -2.15
CA ASP B 48 -61.90 3.16 -2.12
C ASP B 48 -61.22 3.59 -3.42
N VAL B 49 -61.92 3.45 -4.56
CA VAL B 49 -61.38 3.91 -5.83
C VAL B 49 -61.08 5.39 -5.78
N THR B 50 -61.81 6.14 -4.96
CA THR B 50 -61.76 7.59 -4.96
C THR B 50 -61.69 8.13 -6.40
N PRO B 51 -62.68 7.79 -7.21
CA PRO B 51 -62.74 8.32 -8.58
C PRO B 51 -62.74 9.84 -8.60
N THR B 52 -62.03 10.40 -9.57
CA THR B 52 -62.11 11.83 -9.81
C THR B 52 -63.46 12.18 -10.41
N LYS B 53 -63.90 13.41 -10.15
CA LYS B 53 -65.23 13.80 -10.59
C LYS B 53 -65.31 13.88 -12.10
N HIS B 54 -64.19 14.15 -12.77
CA HIS B 54 -64.17 14.06 -14.22
C HIS B 54 -64.48 12.64 -14.67
N ALA B 55 -64.05 11.64 -13.88
CA ALA B 55 -64.37 10.26 -14.22
C ALA B 55 -65.84 9.98 -14.01
N ILE B 56 -66.40 10.40 -12.87
CA ILE B 56 -67.83 10.26 -12.64
C ILE B 56 -68.61 10.87 -13.80
N VAL B 57 -68.32 12.14 -14.08
CA VAL B 57 -69.01 12.85 -15.16
C VAL B 57 -68.94 12.04 -16.45
N GLN B 58 -67.72 11.74 -16.90
CA GLN B 58 -67.55 11.04 -18.16
C GLN B 58 -68.29 9.71 -18.17
N THR B 59 -68.37 9.04 -17.02
CA THR B 59 -69.12 7.79 -16.95
C THR B 59 -70.59 8.05 -17.19
N LEU B 60 -71.14 9.12 -16.62
CA LEU B 60 -72.55 9.42 -16.79
C LEU B 60 -72.85 9.87 -18.22
N VAL B 61 -72.00 10.73 -18.78
CA VAL B 61 -72.17 11.12 -20.17
C VAL B 61 -72.12 9.89 -21.07
N HIS B 62 -71.17 8.99 -20.82
CA HIS B 62 -71.11 7.75 -21.57
C HIS B 62 -72.42 6.98 -21.46
N LEU B 63 -72.90 6.77 -20.23
CA LEU B 63 -74.19 6.12 -20.03
C LEU B 63 -75.28 6.78 -20.85
N LYS B 64 -75.16 8.10 -21.08
CA LYS B 64 -76.14 8.80 -21.88
C LYS B 64 -75.87 8.64 -23.36
N PHE B 65 -74.60 8.70 -23.77
CA PHE B 65 -74.20 8.60 -25.17
C PHE B 65 -73.08 7.57 -25.26
N PRO B 66 -73.39 6.28 -25.17
CA PRO B 66 -72.33 5.27 -25.18
C PRO B 66 -71.56 5.22 -26.49
N THR B 67 -72.17 5.65 -27.60
CA THR B 67 -71.49 5.64 -28.89
C THR B 67 -70.67 6.89 -29.15
N LYS B 68 -70.96 7.99 -28.46
CA LYS B 68 -70.27 9.25 -28.67
C LYS B 68 -69.20 9.55 -27.63
N VAL B 69 -69.31 8.97 -26.43
CA VAL B 69 -68.38 9.23 -25.35
C VAL B 69 -67.98 7.91 -24.71
N GLY B 70 -66.70 7.78 -24.37
CA GLY B 70 -66.18 6.56 -23.78
C GLY B 70 -66.33 6.52 -22.27
N LYS B 71 -66.05 5.35 -21.71
CA LYS B 71 -66.17 5.12 -20.28
C LYS B 71 -64.97 5.70 -19.53
N ALA B 72 -65.11 5.74 -18.20
CA ALA B 72 -63.95 5.98 -17.35
C ALA B 72 -63.07 4.73 -17.33
N CYS B 73 -61.78 4.94 -17.13
CA CYS B 73 -60.81 3.87 -17.27
C CYS B 73 -60.20 3.51 -15.91
N CYS B 74 -59.95 2.21 -15.74
CA CYS B 74 -59.33 1.69 -14.51
C CYS B 74 -57.82 1.66 -14.71
N VAL B 75 -57.11 2.52 -14.00
CA VAL B 75 -55.67 2.69 -14.19
C VAL B 75 -54.97 2.81 -12.85
N PRO B 76 -53.63 2.74 -12.81
CA PRO B 76 -52.92 2.97 -11.55
C PRO B 76 -52.93 4.45 -11.19
N THR B 77 -53.23 4.72 -9.91
CA THR B 77 -53.19 6.08 -9.39
C THR B 77 -51.96 6.36 -8.56
N LYS B 78 -51.18 5.33 -8.21
CA LYS B 78 -49.95 5.52 -7.47
C LYS B 78 -49.01 4.37 -7.79
N LEU B 79 -47.73 4.67 -8.00
CA LEU B 79 -46.73 3.68 -8.36
C LEU B 79 -45.63 3.66 -7.31
N SER B 80 -44.88 2.56 -7.29
CA SER B 80 -43.82 2.33 -6.32
C SER B 80 -42.53 2.00 -7.04
N PRO B 81 -41.39 2.19 -6.39
CA PRO B 81 -40.09 1.90 -7.03
C PRO B 81 -39.68 0.45 -6.84
N ILE B 82 -38.64 0.08 -7.60
CA ILE B 82 -38.01 -1.23 -7.48
C ILE B 82 -36.51 -1.06 -7.72
N SER B 83 -35.73 -1.90 -7.06
CA SER B 83 -34.27 -1.85 -7.21
C SER B 83 -33.87 -2.62 -8.47
N VAL B 84 -33.20 -1.95 -9.40
CA VAL B 84 -32.81 -2.54 -10.67
C VAL B 84 -31.38 -2.12 -10.99
N LEU B 85 -30.78 -2.82 -11.96
CA LEU B 85 -29.43 -2.54 -12.42
C LEU B 85 -29.49 -2.03 -13.86
N TYR B 86 -29.40 -0.71 -14.00
CA TYR B 86 -29.41 -0.05 -15.30
C TYR B 86 -28.04 -0.16 -15.97
N LYS B 87 -28.02 0.00 -17.28
CA LYS B 87 -26.80 -0.08 -18.08
C LYS B 87 -26.71 1.15 -18.96
N ASP B 88 -25.66 1.94 -18.79
CA ASP B 88 -25.48 3.16 -19.57
C ASP B 88 -24.88 2.84 -20.94
N ASP B 89 -25.11 3.74 -21.89
CA ASP B 89 -24.51 3.59 -23.20
C ASP B 89 -23.00 3.51 -23.13
N MET B 90 -22.40 4.26 -22.22
CA MET B 90 -20.95 4.19 -22.04
C MET B 90 -20.54 2.83 -21.48
N GLY B 91 -21.42 2.17 -20.74
CA GLY B 91 -21.22 0.79 -20.36
C GLY B 91 -21.02 0.54 -18.88
N VAL B 92 -21.51 1.44 -18.02
CA VAL B 92 -21.33 1.27 -16.58
C VAL B 92 -22.54 0.56 -15.94
N PRO B 93 -22.32 -0.33 -14.92
CA PRO B 93 -23.43 -0.95 -14.18
C PRO B 93 -24.11 0.02 -13.23
N THR B 94 -25.06 0.79 -13.75
CA THR B 94 -25.74 1.82 -12.97
C THR B 94 -26.84 1.18 -12.13
N LEU B 95 -26.56 0.97 -10.85
CA LEU B 95 -27.61 0.51 -9.94
C LEU B 95 -28.48 1.67 -9.50
N LYS B 96 -29.79 1.53 -9.69
CA LYS B 96 -30.78 2.46 -9.18
C LYS B 96 -31.53 1.75 -8.05
N TYR B 97 -31.34 2.23 -6.82
CA TYR B 97 -31.93 1.54 -5.67
C TYR B 97 -33.44 1.77 -5.62
N HIS B 98 -33.92 2.90 -6.14
CA HIS B 98 -35.35 3.16 -6.29
C HIS B 98 -35.57 3.70 -7.70
N TYR B 99 -35.71 2.80 -8.67
CA TYR B 99 -36.04 3.16 -10.04
C TYR B 99 -37.56 3.27 -10.10
N GLU B 100 -38.05 4.49 -9.96
CA GLU B 100 -39.45 4.73 -9.63
C GLU B 100 -40.37 4.30 -10.76
N GLY B 101 -41.66 4.22 -10.44
CA GLY B 101 -42.69 3.99 -11.43
C GLY B 101 -42.59 2.67 -12.16
N MET B 102 -42.52 1.57 -11.41
CA MET B 102 -42.45 0.24 -12.00
C MET B 102 -43.56 -0.69 -11.52
N SER B 103 -44.05 -0.51 -10.29
CA SER B 103 -45.11 -1.36 -9.76
C SER B 103 -46.26 -0.47 -9.29
N VAL B 104 -47.46 -1.02 -9.33
CA VAL B 104 -48.67 -0.30 -8.95
C VAL B 104 -48.86 -0.40 -7.45
N ALA B 105 -49.19 0.73 -6.83
CA ALA B 105 -49.51 0.79 -5.41
C ALA B 105 -51.01 0.87 -5.16
N GLU B 106 -51.74 1.64 -5.96
CA GLU B 106 -53.18 1.76 -5.82
C GLU B 106 -53.79 1.96 -7.20
N CYS B 107 -55.03 1.54 -7.35
CA CYS B 107 -55.77 1.67 -8.60
C CYS B 107 -56.95 2.61 -8.41
N GLY B 108 -57.39 3.21 -9.51
CA GLY B 108 -58.52 4.13 -9.49
C GLY B 108 -59.04 4.35 -10.88
N CYS B 109 -60.16 5.07 -10.95
CA CYS B 109 -60.84 5.37 -12.21
C CYS B 109 -60.61 6.83 -12.55
N ARG B 110 -60.09 7.10 -13.74
CA ARG B 110 -59.78 8.45 -14.16
C ARG B 110 -60.30 8.70 -15.57
#